data_2EN4
#
_entry.id   2EN4
#
loop_
_entity.id
_entity.type
_entity.pdbx_description
1 polymer 'Zinc finger protein 347'
2 non-polymer 'ZINC ION'
#
_entity_poly.entity_id   1
_entity_poly.type   'polypeptide(L)'
_entity_poly.pdbx_seq_one_letter_code
;GSSGSSGTKEKPYKCYECGKAFRTRSNLTTHQVIHTGEKRSGPSSG
;
_entity_poly.pdbx_strand_id   A
#
# COMPACT_ATOMS: atom_id res chain seq x y z
N GLY A 1 19.22 -15.13 20.20
CA GLY A 1 18.10 -15.42 21.07
C GLY A 1 16.76 -15.14 20.40
N SER A 2 15.73 -14.87 21.20
CA SER A 2 14.41 -14.61 20.68
C SER A 2 14.43 -13.42 19.72
N SER A 3 13.31 -13.20 19.02
CA SER A 3 13.21 -12.11 18.06
C SER A 3 11.90 -11.36 18.24
N GLY A 4 11.97 -10.17 18.81
CA GLY A 4 10.78 -9.37 19.02
C GLY A 4 11.03 -7.89 18.81
N SER A 5 10.54 -7.36 17.70
CA SER A 5 10.72 -5.94 17.38
C SER A 5 9.74 -5.50 16.30
N SER A 6 8.93 -4.49 16.61
CA SER A 6 7.95 -3.98 15.67
C SER A 6 7.69 -2.49 15.90
N GLY A 7 6.85 -1.89 15.06
CA GLY A 7 6.53 -0.49 15.20
C GLY A 7 5.22 -0.25 15.90
N THR A 8 4.17 -0.89 15.42
CA THR A 8 2.83 -0.75 16.01
C THR A 8 1.88 -1.82 15.49
N LYS A 9 0.71 -1.91 16.12
CA LYS A 9 -0.29 -2.89 15.71
C LYS A 9 -1.46 -2.22 15.01
N GLU A 10 -1.21 -1.05 14.42
CA GLU A 10 -2.24 -0.30 13.72
C GLU A 10 -1.71 0.26 12.41
N LYS A 11 -2.49 0.08 11.35
CA LYS A 11 -2.11 0.57 10.03
C LYS A 11 -0.60 0.37 9.79
N PRO A 12 -0.12 -0.84 10.06
CA PRO A 12 1.29 -1.19 9.89
C PRO A 12 1.70 -1.25 8.42
N TYR A 13 0.76 -1.63 7.56
CA TYR A 13 1.02 -1.73 6.13
C TYR A 13 1.05 -0.34 5.49
N LYS A 14 2.20 0.02 4.91
CA LYS A 14 2.35 1.31 4.26
C LYS A 14 2.62 1.14 2.77
N CYS A 15 1.83 1.83 1.95
CA CYS A 15 1.97 1.76 0.51
C CYS A 15 3.30 2.38 0.06
N TYR A 16 4.21 1.54 -0.41
CA TYR A 16 5.51 2.02 -0.87
C TYR A 16 5.39 2.76 -2.19
N GLU A 17 4.20 2.73 -2.78
CA GLU A 17 3.94 3.41 -4.05
C GLU A 17 3.75 4.90 -3.83
N CYS A 18 2.87 5.24 -2.89
CA CYS A 18 2.59 6.64 -2.59
C CYS A 18 3.01 6.99 -1.16
N GLY A 19 2.76 6.05 -0.24
CA GLY A 19 3.12 6.28 1.15
C GLY A 19 1.92 6.18 2.08
N LYS A 20 0.82 5.63 1.57
CA LYS A 20 -0.40 5.47 2.36
C LYS A 20 -0.21 4.40 3.42
N ALA A 21 -1.26 4.16 4.20
CA ALA A 21 -1.22 3.15 5.25
C ALA A 21 -2.51 2.33 5.28
N PHE A 22 -2.44 1.16 5.90
CA PHE A 22 -3.60 0.28 6.00
C PHE A 22 -3.40 -0.76 7.09
N ARG A 23 -4.48 -1.03 7.83
CA ARG A 23 -4.42 -2.00 8.93
C ARG A 23 -3.99 -3.37 8.42
N THR A 24 -4.57 -3.80 7.30
CA THR A 24 -4.25 -5.08 6.71
C THR A 24 -3.74 -4.92 5.28
N ARG A 25 -3.51 -6.04 4.61
CA ARG A 25 -3.02 -6.02 3.24
C ARG A 25 -4.16 -5.74 2.26
N SER A 26 -5.20 -6.55 2.32
CA SER A 26 -6.36 -6.39 1.44
C SER A 26 -6.75 -4.92 1.33
N ASN A 27 -6.83 -4.25 2.48
CA ASN A 27 -7.21 -2.84 2.52
C ASN A 27 -6.16 -1.98 1.82
N LEU A 28 -4.92 -2.46 1.80
CA LEU A 28 -3.82 -1.74 1.17
C LEU A 28 -3.84 -1.95 -0.34
N THR A 29 -3.68 -3.20 -0.76
CA THR A 29 -3.68 -3.53 -2.17
C THR A 29 -4.84 -2.87 -2.90
N THR A 30 -6.05 -3.05 -2.36
CA THR A 30 -7.24 -2.47 -2.96
C THR A 30 -7.01 -1.01 -3.36
N HIS A 31 -6.06 -0.36 -2.69
CA HIS A 31 -5.74 1.03 -2.98
C HIS A 31 -4.57 1.13 -3.94
N GLN A 32 -3.65 0.17 -3.83
CA GLN A 32 -2.47 0.15 -4.70
C GLN A 32 -2.88 0.04 -6.17
N VAL A 33 -4.13 -0.34 -6.40
CA VAL A 33 -4.64 -0.48 -7.76
C VAL A 33 -4.42 0.79 -8.57
N ILE A 34 -4.47 1.93 -7.89
CA ILE A 34 -4.28 3.22 -8.55
C ILE A 34 -2.90 3.30 -9.19
N HIS A 35 -1.94 2.56 -8.63
CA HIS A 35 -0.58 2.55 -9.16
C HIS A 35 -0.39 1.41 -10.16
N THR A 36 -1.35 0.50 -10.20
CA THR A 36 -1.30 -0.64 -11.11
C THR A 36 -1.94 -0.31 -12.45
N GLY A 37 -1.14 -0.34 -13.51
CA GLY A 37 -1.65 -0.05 -14.83
C GLY A 37 -2.27 -1.25 -15.50
N GLU A 38 -2.92 -1.04 -16.64
CA GLU A 38 -3.56 -2.12 -17.38
C GLU A 38 -3.00 -2.23 -18.79
N LYS A 39 -3.18 -3.38 -19.41
CA LYS A 39 -2.69 -3.62 -20.77
C LYS A 39 -2.77 -2.34 -21.60
N ARG A 40 -3.93 -1.69 -21.55
CA ARG A 40 -4.14 -0.46 -22.31
C ARG A 40 -3.53 0.73 -21.58
N SER A 41 -2.23 0.94 -21.79
CA SER A 41 -1.52 2.05 -21.15
C SER A 41 -2.17 3.38 -21.48
N GLY A 42 -2.27 4.25 -20.48
CA GLY A 42 -2.87 5.55 -20.69
C GLY A 42 -1.88 6.60 -21.16
N PRO A 43 -2.23 7.88 -20.99
CA PRO A 43 -1.38 8.99 -21.40
C PRO A 43 -0.14 9.12 -20.51
N SER A 44 -0.16 8.45 -19.37
CA SER A 44 0.95 8.49 -18.44
C SER A 44 1.91 7.32 -18.67
N SER A 45 3.10 7.41 -18.10
CA SER A 45 4.11 6.37 -18.25
C SER A 45 3.61 5.04 -17.70
N GLY A 46 3.02 5.09 -16.50
CA GLY A 46 2.50 3.89 -15.88
C GLY A 46 3.18 3.58 -14.56
N GLY A 1 14.42 10.87 19.20
CA GLY A 1 15.52 10.67 18.29
C GLY A 1 15.50 9.29 17.64
N SER A 2 16.38 8.41 18.10
CA SER A 2 16.46 7.06 17.56
C SER A 2 15.29 6.20 18.06
N SER A 3 14.14 6.35 17.41
CA SER A 3 12.95 5.59 17.80
C SER A 3 12.48 4.70 16.65
N GLY A 4 12.32 5.29 15.47
CA GLY A 4 11.89 4.53 14.32
C GLY A 4 10.46 4.02 14.46
N SER A 5 10.33 2.72 14.67
CA SER A 5 9.01 2.10 14.83
C SER A 5 8.84 1.52 16.23
N SER A 6 8.09 2.22 17.06
CA SER A 6 7.85 1.77 18.44
C SER A 6 6.56 0.97 18.52
N GLY A 7 6.62 -0.30 18.12
CA GLY A 7 5.45 -1.15 18.17
C GLY A 7 4.31 -0.62 17.32
N THR A 8 4.36 -0.92 16.03
CA THR A 8 3.33 -0.47 15.09
C THR A 8 2.37 -1.61 14.73
N LYS A 9 1.22 -1.64 15.39
CA LYS A 9 0.22 -2.67 15.13
C LYS A 9 -0.93 -2.12 14.29
N GLU A 10 -1.17 -0.82 14.39
CA GLU A 10 -2.23 -0.17 13.64
C GLU A 10 -1.72 0.32 12.28
N LYS A 11 -2.52 0.12 11.25
CA LYS A 11 -2.16 0.55 9.90
C LYS A 11 -0.65 0.40 9.68
N PRO A 12 -0.12 -0.79 9.99
CA PRO A 12 1.30 -1.09 9.83
C PRO A 12 1.72 -1.16 8.36
N TYR A 13 0.78 -1.57 7.50
CA TYR A 13 1.06 -1.70 6.08
C TYR A 13 1.06 -0.33 5.41
N LYS A 14 2.21 0.07 4.88
CA LYS A 14 2.36 1.35 4.22
C LYS A 14 2.58 1.16 2.72
N CYS A 15 1.84 1.91 1.92
CA CYS A 15 1.96 1.82 0.46
C CYS A 15 3.26 2.46 -0.01
N TYR A 16 4.24 1.61 -0.36
CA TYR A 16 5.53 2.09 -0.82
C TYR A 16 5.39 2.84 -2.14
N GLU A 17 4.21 2.75 -2.74
CA GLU A 17 3.96 3.42 -4.01
C GLU A 17 3.78 4.92 -3.81
N CYS A 18 2.90 5.29 -2.88
CA CYS A 18 2.64 6.69 -2.58
C CYS A 18 3.04 7.03 -1.16
N GLY A 19 2.73 6.14 -0.22
CA GLY A 19 3.07 6.37 1.17
C GLY A 19 1.87 6.25 2.08
N LYS A 20 0.79 5.67 1.57
CA LYS A 20 -0.44 5.50 2.35
C LYS A 20 -0.25 4.44 3.42
N ALA A 21 -1.30 4.19 4.19
CA ALA A 21 -1.26 3.19 5.26
C ALA A 21 -2.53 2.36 5.28
N PHE A 22 -2.46 1.18 5.89
CA PHE A 22 -3.61 0.29 5.98
C PHE A 22 -3.40 -0.76 7.07
N ARG A 23 -4.48 -1.12 7.75
CA ARG A 23 -4.42 -2.11 8.82
C ARG A 23 -4.03 -3.48 8.26
N THR A 24 -4.76 -3.93 7.25
CA THR A 24 -4.49 -5.23 6.63
C THR A 24 -3.96 -5.06 5.21
N ARG A 25 -3.73 -6.18 4.53
CA ARG A 25 -3.23 -6.16 3.17
C ARG A 25 -4.33 -5.77 2.18
N SER A 26 -5.40 -6.56 2.15
CA SER A 26 -6.52 -6.29 1.25
C SER A 26 -6.84 -4.80 1.22
N ASN A 27 -6.83 -4.17 2.39
CA ASN A 27 -7.14 -2.75 2.50
C ASN A 27 -6.07 -1.92 1.80
N LEU A 28 -4.83 -2.40 1.85
CA LEU A 28 -3.71 -1.70 1.23
C LEU A 28 -3.69 -1.94 -0.29
N THR A 29 -3.57 -3.21 -0.67
CA THR A 29 -3.54 -3.58 -2.08
C THR A 29 -4.72 -2.97 -2.83
N THR A 30 -5.91 -3.10 -2.27
CA THR A 30 -7.11 -2.55 -2.89
C THR A 30 -6.90 -1.10 -3.32
N HIS A 31 -6.01 -0.40 -2.62
CA HIS A 31 -5.72 0.99 -2.94
C HIS A 31 -4.55 1.09 -3.91
N GLN A 32 -3.60 0.16 -3.79
CA GLN A 32 -2.44 0.14 -4.65
C GLN A 32 -2.84 0.03 -6.12
N VAL A 33 -4.09 -0.39 -6.36
CA VAL A 33 -4.60 -0.53 -7.71
C VAL A 33 -4.40 0.74 -8.52
N ILE A 34 -4.53 1.88 -7.85
CA ILE A 34 -4.37 3.18 -8.50
C ILE A 34 -3.00 3.29 -9.16
N HIS A 35 -2.02 2.58 -8.61
CA HIS A 35 -0.66 2.61 -9.14
C HIS A 35 -0.47 1.50 -10.18
N THR A 36 -1.41 0.55 -10.20
CA THR A 36 -1.34 -0.57 -11.14
C THR A 36 -2.09 -0.25 -12.43
N GLY A 37 -1.44 0.52 -13.30
CA GLY A 37 -2.06 0.89 -14.57
C GLY A 37 -1.06 0.89 -15.71
N GLU A 38 -1.14 -0.12 -16.57
CA GLU A 38 -0.24 -0.23 -17.72
C GLU A 38 -0.86 0.40 -18.96
N LYS A 39 -0.90 1.73 -18.98
CA LYS A 39 -1.46 2.46 -20.10
C LYS A 39 -1.10 1.79 -21.43
N ARG A 40 -2.02 1.85 -22.38
CA ARG A 40 -1.79 1.25 -23.70
C ARG A 40 -0.93 2.15 -24.57
N SER A 41 0.13 2.69 -23.99
CA SER A 41 1.04 3.58 -24.71
C SER A 41 2.41 2.94 -24.87
N GLY A 42 2.53 2.05 -25.86
CA GLY A 42 3.79 1.38 -26.10
C GLY A 42 4.76 2.24 -26.90
N PRO A 43 5.51 1.60 -27.81
CA PRO A 43 6.49 2.29 -28.65
C PRO A 43 5.83 3.20 -29.68
N SER A 44 4.53 3.00 -29.90
CA SER A 44 3.78 3.81 -30.86
C SER A 44 2.34 3.99 -30.40
N SER A 45 1.79 5.17 -30.67
CA SER A 45 0.41 5.47 -30.28
C SER A 45 -0.54 5.28 -31.46
N GLY A 46 -0.19 5.84 -32.61
CA GLY A 46 -1.02 5.71 -33.79
C GLY A 46 -0.29 6.08 -35.06
N GLY A 1 11.68 23.26 15.79
CA GLY A 1 10.79 22.28 16.37
C GLY A 1 9.42 22.29 15.72
N SER A 2 9.25 21.51 14.67
CA SER A 2 7.98 21.43 13.95
C SER A 2 7.27 20.12 14.25
N SER A 3 6.00 20.04 13.86
CA SER A 3 5.20 18.85 14.09
C SER A 3 5.80 17.64 13.36
N GLY A 4 6.32 16.69 14.13
CA GLY A 4 6.92 15.51 13.53
C GLY A 4 5.89 14.42 13.27
N SER A 5 5.99 13.33 14.03
CA SER A 5 5.07 12.21 13.87
C SER A 5 3.63 12.65 14.12
N SER A 6 2.69 11.73 13.89
CA SER A 6 1.28 12.03 14.09
C SER A 6 0.77 11.41 15.39
N GLY A 7 0.90 10.09 15.50
CA GLY A 7 0.45 9.40 16.70
C GLY A 7 -0.19 8.06 16.39
N THR A 8 -0.93 7.99 15.29
CA THR A 8 -1.59 6.75 14.88
C THR A 8 -0.76 5.53 15.25
N LYS A 9 -1.44 4.45 15.60
CA LYS A 9 -0.76 3.21 15.98
C LYS A 9 -0.98 2.13 14.93
N GLU A 10 -2.24 1.78 14.71
CA GLU A 10 -2.59 0.76 13.73
C GLU A 10 -2.18 1.18 12.33
N LYS A 11 -2.53 0.37 11.35
CA LYS A 11 -2.20 0.65 9.95
C LYS A 11 -0.70 0.50 9.71
N PRO A 12 -0.16 -0.68 10.05
CA PRO A 12 1.27 -0.98 9.87
C PRO A 12 1.65 -1.12 8.40
N TYR A 13 0.69 -1.51 7.57
CA TYR A 13 0.94 -1.67 6.14
C TYR A 13 0.96 -0.32 5.44
N LYS A 14 2.14 0.06 4.95
CA LYS A 14 2.30 1.34 4.25
C LYS A 14 2.53 1.10 2.76
N CYS A 15 1.86 1.89 1.94
CA CYS A 15 1.98 1.78 0.49
C CYS A 15 3.29 2.41 0.01
N TYR A 16 4.24 1.56 -0.39
CA TYR A 16 5.53 2.03 -0.86
C TYR A 16 5.39 2.77 -2.20
N GLU A 17 4.20 2.66 -2.79
CA GLU A 17 3.94 3.31 -4.07
C GLU A 17 3.75 4.82 -3.89
N CYS A 18 2.88 5.19 -2.94
CA CYS A 18 2.61 6.59 -2.67
C CYS A 18 3.03 6.96 -1.24
N GLY A 19 2.72 6.08 -0.30
CA GLY A 19 3.08 6.33 1.09
C GLY A 19 1.88 6.25 2.02
N LYS A 20 0.80 5.65 1.54
CA LYS A 20 -0.41 5.51 2.34
C LYS A 20 -0.23 4.44 3.42
N ALA A 21 -1.29 4.22 4.19
CA ALA A 21 -1.24 3.22 5.26
C ALA A 21 -2.53 2.39 5.30
N PHE A 22 -2.44 1.21 5.89
CA PHE A 22 -3.60 0.32 5.98
C PHE A 22 -3.38 -0.74 7.05
N ARG A 23 -4.48 -1.25 7.60
CA ARG A 23 -4.40 -2.27 8.64
C ARG A 23 -3.98 -3.62 8.05
N THR A 24 -4.77 -4.13 7.12
CA THR A 24 -4.48 -5.40 6.48
C THR A 24 -4.05 -5.21 5.03
N ARG A 25 -3.57 -6.28 4.41
CA ARG A 25 -3.11 -6.23 3.02
C ARG A 25 -4.26 -5.81 2.10
N SER A 26 -5.33 -6.59 2.10
CA SER A 26 -6.48 -6.31 1.25
C SER A 26 -6.79 -4.81 1.24
N ASN A 27 -6.80 -4.21 2.42
CA ASN A 27 -7.08 -2.78 2.56
C ASN A 27 -6.00 -1.95 1.86
N LEU A 28 -4.78 -2.45 1.88
CA LEU A 28 -3.66 -1.76 1.25
C LEU A 28 -3.68 -1.95 -0.26
N THR A 29 -3.60 -3.20 -0.70
CA THR A 29 -3.61 -3.52 -2.12
C THR A 29 -4.78 -2.84 -2.83
N THR A 30 -5.98 -3.03 -2.28
CA THR A 30 -7.18 -2.44 -2.86
C THR A 30 -6.93 -1.01 -3.30
N HIS A 31 -6.05 -0.32 -2.59
CA HIS A 31 -5.71 1.06 -2.90
C HIS A 31 -4.54 1.13 -3.89
N GLN A 32 -3.62 0.19 -3.77
CA GLN A 32 -2.45 0.14 -4.65
C GLN A 32 -2.88 0.07 -6.11
N VAL A 33 -4.11 -0.39 -6.34
CA VAL A 33 -4.64 -0.51 -7.70
C VAL A 33 -4.37 0.75 -8.51
N ILE A 34 -4.53 1.90 -7.86
CA ILE A 34 -4.31 3.18 -8.52
C ILE A 34 -2.95 3.22 -9.21
N HIS A 35 -1.99 2.52 -8.64
CA HIS A 35 -0.64 2.47 -9.20
C HIS A 35 -0.52 1.33 -10.21
N THR A 36 -1.44 0.37 -10.12
CA THR A 36 -1.43 -0.77 -11.03
C THR A 36 -2.14 -0.44 -12.35
N GLY A 37 -1.52 -0.84 -13.46
CA GLY A 37 -2.10 -0.58 -14.77
C GLY A 37 -1.18 -0.96 -15.90
N GLU A 38 -1.39 -2.16 -16.44
CA GLU A 38 -0.56 -2.66 -17.54
C GLU A 38 -0.16 -1.51 -18.48
N LYS A 39 1.09 -1.08 -18.36
CA LYS A 39 1.61 0.00 -19.19
C LYS A 39 1.82 -0.46 -20.63
N ARG A 40 1.67 0.46 -21.56
CA ARG A 40 1.84 0.15 -22.98
C ARG A 40 3.31 0.28 -23.39
N SER A 41 4.06 -0.79 -23.22
CA SER A 41 5.48 -0.79 -23.56
C SER A 41 5.80 -1.95 -24.49
N GLY A 42 6.86 -1.78 -25.30
CA GLY A 42 7.27 -2.83 -26.22
C GLY A 42 6.62 -2.67 -27.59
N PRO A 43 7.13 -3.42 -28.58
CA PRO A 43 6.61 -3.37 -29.95
C PRO A 43 5.22 -3.98 -30.06
N SER A 44 4.66 -4.40 -28.93
CA SER A 44 3.34 -5.01 -28.91
C SER A 44 2.36 -4.22 -29.75
N SER A 45 1.87 -4.82 -30.83
CA SER A 45 0.93 -4.16 -31.72
C SER A 45 -0.47 -4.76 -31.58
N GLY A 46 -0.87 -5.00 -30.34
CA GLY A 46 -2.19 -5.57 -30.08
C GLY A 46 -2.41 -6.86 -30.84
N GLY A 1 20.53 -10.00 15.64
CA GLY A 1 19.73 -11.20 15.57
C GLY A 1 18.26 -10.93 15.86
N SER A 2 17.40 -11.23 14.90
CA SER A 2 15.96 -11.02 15.05
C SER A 2 15.17 -12.16 14.42
N SER A 3 14.36 -12.82 15.23
CA SER A 3 13.55 -13.93 14.75
C SER A 3 12.06 -13.65 14.96
N GLY A 4 11.65 -12.43 14.66
CA GLY A 4 10.25 -12.05 14.82
C GLY A 4 9.82 -12.04 16.27
N SER A 5 8.78 -11.27 16.56
CA SER A 5 8.26 -11.18 17.93
C SER A 5 6.80 -10.76 17.93
N SER A 6 5.94 -11.66 18.43
CA SER A 6 4.51 -11.38 18.48
C SER A 6 4.25 -9.92 18.79
N GLY A 7 3.30 -9.33 18.07
CA GLY A 7 2.97 -7.93 18.29
C GLY A 7 2.27 -7.30 17.09
N THR A 8 1.08 -6.78 17.31
CA THR A 8 0.31 -6.15 16.24
C THR A 8 0.43 -4.63 16.30
N LYS A 9 0.08 -3.97 15.20
CA LYS A 9 0.14 -2.52 15.13
C LYS A 9 -0.99 -1.97 14.25
N GLU A 10 -1.27 -0.67 14.40
CA GLU A 10 -2.32 -0.03 13.63
C GLU A 10 -1.79 0.43 12.27
N LYS A 11 -2.60 0.25 11.22
CA LYS A 11 -2.21 0.65 9.88
C LYS A 11 -0.71 0.47 9.67
N PRO A 12 -0.19 -0.72 9.99
CA PRO A 12 1.23 -1.03 9.84
C PRO A 12 1.66 -1.12 8.39
N TYR A 13 0.74 -1.55 7.53
CA TYR A 13 1.03 -1.68 6.11
C TYR A 13 1.06 -0.32 5.42
N LYS A 14 2.24 0.05 4.93
CA LYS A 14 2.41 1.33 4.25
C LYS A 14 2.65 1.13 2.76
N CYS A 15 1.88 1.84 1.94
CA CYS A 15 2.01 1.74 0.49
C CYS A 15 3.33 2.33 0.02
N TYR A 16 4.25 1.48 -0.39
CA TYR A 16 5.55 1.91 -0.87
C TYR A 16 5.43 2.67 -2.18
N GLU A 17 4.25 2.62 -2.78
CA GLU A 17 3.99 3.29 -4.05
C GLU A 17 3.83 4.79 -3.83
N CYS A 18 2.97 5.17 -2.90
CA CYS A 18 2.72 6.58 -2.60
C CYS A 18 3.13 6.91 -1.16
N GLY A 19 2.89 5.97 -0.25
CA GLY A 19 3.25 6.18 1.14
C GLY A 19 2.03 6.09 2.05
N LYS A 20 0.92 5.61 1.52
CA LYS A 20 -0.31 5.49 2.30
C LYS A 20 -0.16 4.43 3.40
N ALA A 21 -1.24 4.19 4.14
CA ALA A 21 -1.22 3.21 5.20
C ALA A 21 -2.52 2.40 5.24
N PHE A 22 -2.46 1.23 5.85
CA PHE A 22 -3.64 0.36 5.96
C PHE A 22 -3.45 -0.68 7.06
N ARG A 23 -4.54 -1.01 7.74
CA ARG A 23 -4.49 -1.99 8.82
C ARG A 23 -4.11 -3.37 8.28
N THR A 24 -4.90 -3.87 7.35
CA THR A 24 -4.64 -5.18 6.76
C THR A 24 -4.02 -5.05 5.37
N ARG A 25 -3.85 -6.18 4.69
CA ARG A 25 -3.26 -6.18 3.36
C ARG A 25 -4.31 -5.85 2.30
N SER A 26 -5.37 -6.65 2.25
CA SER A 26 -6.44 -6.43 1.28
C SER A 26 -6.82 -4.96 1.21
N ASN A 27 -6.76 -4.29 2.35
CA ASN A 27 -7.10 -2.87 2.42
C ASN A 27 -6.03 -2.02 1.74
N LEU A 28 -4.78 -2.47 1.84
CA LEU A 28 -3.66 -1.75 1.24
C LEU A 28 -3.63 -1.95 -0.27
N THR A 29 -3.64 -3.21 -0.70
CA THR A 29 -3.61 -3.54 -2.12
C THR A 29 -4.79 -2.90 -2.85
N THR A 30 -5.98 -3.05 -2.29
CA THR A 30 -7.18 -2.48 -2.89
C THR A 30 -6.96 -1.04 -3.32
N HIS A 31 -6.03 -0.36 -2.64
CA HIS A 31 -5.72 1.03 -2.96
C HIS A 31 -4.55 1.11 -3.95
N GLN A 32 -3.60 0.19 -3.80
CA GLN A 32 -2.43 0.17 -4.67
C GLN A 32 -2.85 0.05 -6.14
N VAL A 33 -4.10 -0.34 -6.36
CA VAL A 33 -4.63 -0.49 -7.71
C VAL A 33 -4.42 0.79 -8.52
N ILE A 34 -4.52 1.93 -7.85
CA ILE A 34 -4.34 3.21 -8.52
C ILE A 34 -2.97 3.31 -9.19
N HIS A 35 -2.00 2.60 -8.63
CA HIS A 35 -0.65 2.60 -9.17
C HIS A 35 -0.48 1.49 -10.19
N THR A 36 -1.42 0.55 -10.21
CA THR A 36 -1.37 -0.58 -11.14
C THR A 36 -2.16 -0.27 -12.41
N GLY A 37 -2.08 0.98 -12.86
CA GLY A 37 -2.80 1.37 -14.06
C GLY A 37 -1.99 1.12 -15.33
N GLU A 38 -2.08 2.04 -16.27
CA GLU A 38 -1.35 1.92 -17.53
C GLU A 38 -1.79 0.67 -18.29
N LYS A 39 -3.09 0.39 -18.28
CA LYS A 39 -3.63 -0.77 -18.96
C LYS A 39 -2.69 -1.96 -18.83
N ARG A 40 -2.12 -2.14 -17.65
CA ARG A 40 -1.20 -3.24 -17.40
C ARG A 40 -1.76 -4.18 -16.34
N SER A 41 -2.69 -5.04 -16.75
CA SER A 41 -3.31 -6.00 -15.83
C SER A 41 -3.54 -7.33 -16.52
N GLY A 42 -3.18 -8.41 -15.83
CA GLY A 42 -3.36 -9.74 -16.39
C GLY A 42 -2.49 -9.98 -17.61
N PRO A 43 -2.73 -11.11 -18.30
CA PRO A 43 -1.97 -11.47 -19.50
C PRO A 43 -2.27 -10.57 -20.68
N SER A 44 -1.65 -10.85 -21.81
CA SER A 44 -1.86 -10.06 -23.03
C SER A 44 -3.29 -10.17 -23.50
N SER A 45 -3.79 -11.39 -23.58
CA SER A 45 -5.16 -11.65 -24.03
C SER A 45 -6.15 -11.50 -22.87
N GLY A 46 -6.70 -10.31 -22.73
CA GLY A 46 -7.66 -10.06 -21.66
C GLY A 46 -9.10 -10.21 -22.12
N GLY A 1 19.35 6.64 15.98
CA GLY A 1 20.01 7.75 16.65
C GLY A 1 19.22 9.04 16.54
N SER A 2 17.92 8.97 16.79
CA SER A 2 17.07 10.14 16.71
C SER A 2 15.93 10.06 17.74
N SER A 3 15.53 11.21 18.26
CA SER A 3 14.46 11.27 19.25
C SER A 3 13.15 11.68 18.61
N GLY A 4 12.09 10.95 18.93
CA GLY A 4 10.78 11.26 18.38
C GLY A 4 10.11 10.05 17.75
N SER A 5 9.09 9.53 18.43
CA SER A 5 8.36 8.37 17.93
C SER A 5 6.88 8.65 17.80
N SER A 6 6.56 9.84 17.28
CA SER A 6 5.16 10.24 17.11
C SER A 6 4.59 9.68 15.81
N GLY A 7 3.51 8.91 15.94
CA GLY A 7 2.89 8.33 14.76
C GLY A 7 1.61 7.58 15.11
N THR A 8 1.15 6.75 14.18
CA THR A 8 -0.08 5.98 14.38
C THR A 8 0.24 4.59 14.89
N LYS A 9 -0.63 4.07 15.76
CA LYS A 9 -0.44 2.75 16.33
C LYS A 9 -0.76 1.66 15.31
N GLU A 10 -1.98 1.69 14.78
CA GLU A 10 -2.39 0.71 13.78
C GLU A 10 -2.02 1.17 12.37
N LYS A 11 -2.34 0.35 11.38
CA LYS A 11 -2.05 0.68 9.99
C LYS A 11 -0.56 0.54 9.70
N PRO A 12 -0.01 -0.65 10.00
CA PRO A 12 1.41 -0.95 9.78
C PRO A 12 1.75 -1.05 8.30
N TYR A 13 0.80 -1.53 7.51
CA TYR A 13 1.00 -1.68 6.07
C TYR A 13 1.00 -0.32 5.37
N LYS A 14 2.16 0.10 4.88
CA LYS A 14 2.28 1.37 4.19
C LYS A 14 2.52 1.16 2.69
N CYS A 15 1.81 1.94 1.88
CA CYS A 15 1.94 1.84 0.43
C CYS A 15 3.24 2.49 -0.05
N TYR A 16 4.26 1.66 -0.30
CA TYR A 16 5.55 2.15 -0.76
C TYR A 16 5.41 2.86 -2.10
N GLU A 17 4.25 2.74 -2.72
CA GLU A 17 3.99 3.37 -4.01
C GLU A 17 3.80 4.88 -3.84
N CYS A 18 2.92 5.26 -2.92
CA CYS A 18 2.64 6.67 -2.66
C CYS A 18 3.02 7.04 -1.23
N GLY A 19 2.69 6.17 -0.29
CA GLY A 19 3.00 6.43 1.10
C GLY A 19 1.79 6.29 2.00
N LYS A 20 0.73 5.67 1.49
CA LYS A 20 -0.49 5.47 2.26
C LYS A 20 -0.29 4.43 3.35
N ALA A 21 -1.33 4.19 4.13
CA ALA A 21 -1.26 3.22 5.21
C ALA A 21 -2.54 2.38 5.27
N PHE A 22 -2.42 1.19 5.86
CA PHE A 22 -3.57 0.29 5.98
C PHE A 22 -3.32 -0.76 7.05
N ARG A 23 -4.40 -1.26 7.66
CA ARG A 23 -4.29 -2.27 8.70
C ARG A 23 -3.94 -3.63 8.11
N THR A 24 -4.75 -4.08 7.15
CA THR A 24 -4.53 -5.37 6.50
C THR A 24 -4.06 -5.18 5.07
N ARG A 25 -3.64 -6.27 4.44
CA ARG A 25 -3.16 -6.24 3.06
C ARG A 25 -4.28 -5.80 2.11
N SER A 26 -5.35 -6.58 2.08
CA SER A 26 -6.49 -6.29 1.22
C SER A 26 -6.80 -4.80 1.22
N ASN A 27 -6.85 -4.22 2.41
CA ASN A 27 -7.14 -2.79 2.56
C ASN A 27 -6.07 -1.95 1.86
N LEU A 28 -4.84 -2.44 1.87
CA LEU A 28 -3.73 -1.73 1.24
C LEU A 28 -3.73 -1.94 -0.27
N THR A 29 -3.58 -3.20 -0.68
CA THR A 29 -3.57 -3.55 -2.09
C THR A 29 -4.75 -2.91 -2.82
N THR A 30 -5.93 -3.04 -2.26
CA THR A 30 -7.14 -2.47 -2.85
C THR A 30 -6.90 -1.03 -3.31
N HIS A 31 -6.06 -0.32 -2.57
CA HIS A 31 -5.74 1.07 -2.89
C HIS A 31 -4.57 1.15 -3.87
N GLN A 32 -3.64 0.20 -3.75
CA GLN A 32 -2.47 0.17 -4.62
C GLN A 32 -2.89 0.07 -6.08
N VAL A 33 -4.11 -0.38 -6.32
CA VAL A 33 -4.63 -0.52 -7.68
C VAL A 33 -4.36 0.74 -8.50
N ILE A 34 -4.52 1.90 -7.86
CA ILE A 34 -4.30 3.17 -8.53
C ILE A 34 -2.93 3.21 -9.19
N HIS A 35 -1.96 2.53 -8.59
CA HIS A 35 -0.60 2.49 -9.12
C HIS A 35 -0.45 1.33 -10.10
N THR A 36 -1.34 0.36 -10.02
CA THR A 36 -1.30 -0.79 -10.91
C THR A 36 -1.98 -0.49 -12.24
N GLY A 37 -1.21 -0.59 -13.32
CA GLY A 37 -1.74 -0.32 -14.64
C GLY A 37 -0.75 0.38 -15.55
N GLU A 38 -0.05 -0.39 -16.37
CA GLU A 38 0.94 0.17 -17.28
C GLU A 38 0.49 0.01 -18.73
N LYS A 39 0.32 -1.23 -19.16
CA LYS A 39 -0.11 -1.51 -20.53
C LYS A 39 -1.63 -1.60 -20.62
N ARG A 40 -2.18 -1.07 -21.70
CA ARG A 40 -3.63 -1.09 -21.90
C ARG A 40 -4.32 -0.14 -20.94
N SER A 41 -3.71 1.02 -20.71
CA SER A 41 -4.28 2.02 -19.81
C SER A 41 -5.80 2.03 -19.89
N GLY A 42 -6.45 1.75 -18.76
CA GLY A 42 -7.90 1.72 -18.71
C GLY A 42 -8.50 0.83 -19.78
N PRO A 43 -8.76 -0.43 -19.42
CA PRO A 43 -9.34 -1.41 -20.34
C PRO A 43 -10.79 -1.11 -20.68
N SER A 44 -11.50 -0.49 -19.74
CA SER A 44 -12.90 -0.15 -19.94
C SER A 44 -13.03 1.21 -20.64
N SER A 45 -14.10 1.37 -21.42
CA SER A 45 -14.34 2.61 -22.14
C SER A 45 -15.57 3.33 -21.60
N GLY A 46 -15.36 4.43 -20.91
CA GLY A 46 -16.46 5.20 -20.36
C GLY A 46 -16.82 6.40 -21.20
N GLY A 1 -8.22 -21.76 21.95
CA GLY A 1 -7.38 -20.67 22.41
C GLY A 1 -6.48 -20.14 21.32
N SER A 2 -5.63 -19.19 21.67
CA SER A 2 -4.70 -18.59 20.70
C SER A 2 -3.29 -18.52 21.28
N SER A 3 -2.30 -18.49 20.39
CA SER A 3 -0.91 -18.42 20.79
C SER A 3 -0.23 -17.17 20.25
N GLY A 4 -0.03 -16.19 21.12
CA GLY A 4 0.60 -14.95 20.71
C GLY A 4 0.38 -13.83 21.69
N SER A 5 1.04 -12.70 21.47
CA SER A 5 0.92 -11.54 22.35
C SER A 5 0.95 -10.24 21.55
N SER A 6 0.82 -9.12 22.25
CA SER A 6 0.84 -7.81 21.60
C SER A 6 1.78 -7.80 20.41
N GLY A 7 1.38 -7.12 19.35
CA GLY A 7 2.20 -7.05 18.15
C GLY A 7 1.49 -6.38 17.00
N THR A 8 0.22 -6.74 16.79
CA THR A 8 -0.57 -6.18 15.71
C THR A 8 -0.72 -4.67 15.87
N LYS A 9 0.11 -3.92 15.17
CA LYS A 9 0.06 -2.46 15.24
C LYS A 9 -1.07 -1.91 14.38
N GLU A 10 -1.26 -0.59 14.43
CA GLU A 10 -2.33 0.05 13.66
C GLU A 10 -1.81 0.51 12.29
N LYS A 11 -2.62 0.30 11.26
CA LYS A 11 -2.25 0.68 9.90
C LYS A 11 -0.74 0.53 9.69
N PRO A 12 -0.22 -0.66 10.02
CA PRO A 12 1.21 -0.97 9.86
C PRO A 12 1.62 -1.08 8.40
N TYR A 13 0.69 -1.53 7.56
CA TYR A 13 0.97 -1.69 6.14
C TYR A 13 1.01 -0.34 5.44
N LYS A 14 2.19 0.03 4.94
CA LYS A 14 2.37 1.30 4.24
C LYS A 14 2.62 1.08 2.76
N CYS A 15 1.88 1.80 1.93
CA CYS A 15 2.03 1.68 0.48
C CYS A 15 3.36 2.26 0.02
N TYR A 16 4.28 1.40 -0.39
CA TYR A 16 5.59 1.82 -0.85
C TYR A 16 5.48 2.59 -2.17
N GLU A 17 4.30 2.53 -2.78
CA GLU A 17 4.06 3.21 -4.04
C GLU A 17 3.92 4.72 -3.84
N CYS A 18 3.07 5.10 -2.90
CA CYS A 18 2.84 6.51 -2.60
C CYS A 18 3.23 6.82 -1.15
N GLY A 19 2.95 5.89 -0.25
CA GLY A 19 3.28 6.09 1.15
C GLY A 19 2.06 6.02 2.04
N LYS A 20 0.96 5.54 1.50
CA LYS A 20 -0.29 5.41 2.25
C LYS A 20 -0.14 4.40 3.38
N ALA A 21 -1.23 4.16 4.10
CA ALA A 21 -1.23 3.21 5.20
C ALA A 21 -2.52 2.39 5.23
N PHE A 22 -2.46 1.23 5.85
CA PHE A 22 -3.63 0.35 5.95
C PHE A 22 -3.43 -0.69 7.06
N ARG A 23 -4.52 -1.03 7.74
CA ARG A 23 -4.48 -2.01 8.82
C ARG A 23 -4.05 -3.37 8.30
N THR A 24 -4.77 -3.88 7.30
CA THR A 24 -4.46 -5.17 6.71
C THR A 24 -3.91 -5.02 5.30
N ARG A 25 -3.66 -6.15 4.64
CA ARG A 25 -3.13 -6.14 3.28
C ARG A 25 -4.23 -5.84 2.27
N SER A 26 -5.29 -6.64 2.30
CA SER A 26 -6.41 -6.46 1.39
C SER A 26 -6.81 -4.99 1.29
N ASN A 27 -6.75 -4.30 2.42
CA ASN A 27 -7.12 -2.89 2.47
C ASN A 27 -6.05 -2.04 1.77
N LEU A 28 -4.81 -2.49 1.83
CA LEU A 28 -3.70 -1.77 1.20
C LEU A 28 -3.71 -1.96 -0.31
N THR A 29 -3.67 -3.22 -0.74
CA THR A 29 -3.68 -3.54 -2.17
C THR A 29 -4.85 -2.86 -2.87
N THR A 30 -6.04 -3.01 -2.31
CA THR A 30 -7.24 -2.41 -2.88
C THR A 30 -6.98 -0.98 -3.31
N HIS A 31 -6.04 -0.32 -2.65
CA HIS A 31 -5.69 1.06 -2.97
C HIS A 31 -4.53 1.13 -3.95
N GLN A 32 -3.58 0.20 -3.80
CA GLN A 32 -2.42 0.15 -4.68
C GLN A 32 -2.84 0.04 -6.14
N VAL A 33 -4.10 -0.34 -6.36
CA VAL A 33 -4.62 -0.48 -7.71
C VAL A 33 -4.40 0.80 -8.52
N ILE A 34 -4.51 1.94 -7.86
CA ILE A 34 -4.31 3.23 -8.53
C ILE A 34 -2.95 3.29 -9.20
N HIS A 35 -1.98 2.59 -8.64
CA HIS A 35 -0.63 2.57 -9.19
C HIS A 35 -0.47 1.44 -10.20
N THR A 36 -1.41 0.50 -10.18
CA THR A 36 -1.37 -0.63 -11.10
C THR A 36 -2.11 -0.31 -12.40
N GLY A 37 -1.57 -0.79 -13.51
CA GLY A 37 -2.20 -0.56 -14.80
C GLY A 37 -3.59 -1.16 -14.89
N GLU A 38 -4.61 -0.31 -14.89
CA GLU A 38 -5.99 -0.77 -14.97
C GLU A 38 -6.50 -0.71 -16.40
N LYS A 39 -5.64 -1.10 -17.34
CA LYS A 39 -6.01 -1.10 -18.76
C LYS A 39 -5.06 -1.98 -19.56
N ARG A 40 -5.62 -2.77 -20.48
CA ARG A 40 -4.82 -3.65 -21.31
C ARG A 40 -4.21 -2.90 -22.48
N SER A 41 -3.70 -1.70 -22.21
CA SER A 41 -3.09 -0.87 -23.23
C SER A 41 -1.73 -0.35 -22.78
N GLY A 42 -0.68 -1.14 -23.00
CA GLY A 42 0.65 -0.75 -22.60
C GLY A 42 1.70 -1.09 -23.64
N PRO A 43 2.54 -0.12 -23.98
CA PRO A 43 3.61 -0.30 -24.98
C PRO A 43 4.71 -1.23 -24.48
N SER A 44 5.20 -0.96 -23.27
CA SER A 44 6.26 -1.76 -22.68
C SER A 44 5.71 -2.68 -21.59
N SER A 45 4.97 -2.10 -20.65
CA SER A 45 4.39 -2.87 -19.55
C SER A 45 5.47 -3.58 -18.75
N GLY A 46 6.57 -2.87 -18.50
CA GLY A 46 7.66 -3.44 -17.73
C GLY A 46 7.22 -3.95 -16.37
N GLY A 1 12.43 9.55 11.63
CA GLY A 1 13.17 8.97 12.73
C GLY A 1 13.73 7.60 12.39
N SER A 2 13.50 6.63 13.27
CA SER A 2 13.99 5.27 13.07
C SER A 2 13.00 4.25 13.61
N SER A 3 13.18 2.99 13.21
CA SER A 3 12.30 1.92 13.66
C SER A 3 12.99 1.07 14.73
N GLY A 4 13.16 1.65 15.90
CA GLY A 4 13.80 0.94 17.00
C GLY A 4 12.83 0.04 17.75
N SER A 5 11.98 0.65 18.56
CA SER A 5 11.00 -0.10 19.35
C SER A 5 9.66 -0.16 18.62
N SER A 6 8.81 -1.10 19.05
CA SER A 6 7.50 -1.27 18.44
C SER A 6 6.41 -0.67 19.31
N GLY A 7 5.32 -0.24 18.69
CA GLY A 7 4.22 0.36 19.42
C GLY A 7 2.87 -0.17 18.98
N THR A 8 1.80 0.47 19.46
CA THR A 8 0.45 0.06 19.11
C THR A 8 0.37 -0.42 17.65
N LYS A 9 -0.26 -1.57 17.45
CA LYS A 9 -0.41 -2.13 16.12
C LYS A 9 -1.59 -1.50 15.38
N GLU A 10 -1.30 -0.64 14.40
CA GLU A 10 -2.33 0.02 13.63
C GLU A 10 -1.80 0.47 12.28
N LYS A 11 -2.61 0.26 11.23
CA LYS A 11 -2.22 0.64 9.89
C LYS A 11 -0.72 0.47 9.68
N PRO A 12 -0.21 -0.72 10.02
CA PRO A 12 1.22 -1.03 9.88
C PRO A 12 1.64 -1.16 8.42
N TYR A 13 0.70 -1.53 7.56
CA TYR A 13 0.98 -1.69 6.14
C TYR A 13 1.03 -0.33 5.44
N LYS A 14 2.21 0.03 4.95
CA LYS A 14 2.38 1.30 4.25
C LYS A 14 2.61 1.08 2.75
N CYS A 15 1.90 1.85 1.94
CA CYS A 15 2.02 1.74 0.50
C CYS A 15 3.34 2.35 0.01
N TYR A 16 4.26 1.49 -0.39
CA TYR A 16 5.56 1.94 -0.88
C TYR A 16 5.42 2.69 -2.21
N GLU A 17 4.23 2.60 -2.80
CA GLU A 17 3.96 3.26 -4.07
C GLU A 17 3.80 4.77 -3.87
N CYS A 18 2.97 5.14 -2.91
CA CYS A 18 2.73 6.55 -2.61
C CYS A 18 3.14 6.89 -1.19
N GLY A 19 2.86 5.98 -0.26
CA GLY A 19 3.21 6.20 1.13
C GLY A 19 2.01 6.13 2.05
N LYS A 20 0.90 5.61 1.53
CA LYS A 20 -0.32 5.47 2.31
C LYS A 20 -0.17 4.43 3.40
N ALA A 21 -1.24 4.20 4.16
CA ALA A 21 -1.22 3.21 5.23
C ALA A 21 -2.51 2.40 5.25
N PHE A 22 -2.46 1.23 5.87
CA PHE A 22 -3.63 0.35 5.97
C PHE A 22 -3.44 -0.69 7.07
N ARG A 23 -4.54 -1.02 7.74
CA ARG A 23 -4.50 -2.00 8.82
C ARG A 23 -4.11 -3.38 8.29
N THR A 24 -4.87 -3.86 7.32
CA THR A 24 -4.61 -5.18 6.72
C THR A 24 -4.00 -5.04 5.33
N ARG A 25 -3.73 -6.17 4.69
CA ARG A 25 -3.15 -6.17 3.36
C ARG A 25 -4.19 -5.85 2.30
N SER A 26 -5.27 -6.63 2.29
CA SER A 26 -6.35 -6.43 1.32
C SER A 26 -6.72 -4.96 1.23
N ASN A 27 -6.77 -4.28 2.36
CA ASN A 27 -7.11 -2.86 2.41
C ASN A 27 -6.02 -2.03 1.74
N LEU A 28 -4.78 -2.49 1.83
CA LEU A 28 -3.66 -1.78 1.23
C LEU A 28 -3.64 -1.96 -0.28
N THR A 29 -3.71 -3.21 -0.72
CA THR A 29 -3.70 -3.52 -2.15
C THR A 29 -4.86 -2.83 -2.86
N THR A 30 -6.07 -3.01 -2.32
CA THR A 30 -7.26 -2.41 -2.91
C THR A 30 -7.00 -0.98 -3.34
N HIS A 31 -6.06 -0.33 -2.67
CA HIS A 31 -5.71 1.06 -2.98
C HIS A 31 -4.55 1.12 -3.96
N GLN A 32 -3.61 0.19 -3.82
CA GLN A 32 -2.45 0.13 -4.69
C GLN A 32 -2.87 0.03 -6.16
N VAL A 33 -4.13 -0.34 -6.39
CA VAL A 33 -4.65 -0.47 -7.73
C VAL A 33 -4.45 0.80 -8.54
N ILE A 34 -4.50 1.94 -7.86
CA ILE A 34 -4.31 3.23 -8.52
C ILE A 34 -2.94 3.33 -9.16
N HIS A 35 -1.98 2.55 -8.63
CA HIS A 35 -0.63 2.55 -9.16
C HIS A 35 -0.45 1.44 -10.20
N THR A 36 -1.41 0.50 -10.23
CA THR A 36 -1.35 -0.60 -11.16
C THR A 36 -2.07 -0.26 -12.47
N GLY A 37 -1.39 -0.48 -13.59
CA GLY A 37 -1.97 -0.19 -14.88
C GLY A 37 -1.18 -0.80 -16.03
N GLU A 38 -1.74 -1.83 -16.65
CA GLU A 38 -1.09 -2.50 -17.77
C GLU A 38 -1.68 -2.06 -19.10
N LYS A 39 -0.86 -2.06 -20.13
CA LYS A 39 -1.30 -1.66 -21.47
C LYS A 39 -1.58 -2.88 -22.33
N ARG A 40 -2.44 -2.70 -23.34
CA ARG A 40 -2.80 -3.78 -24.24
C ARG A 40 -1.59 -4.25 -25.04
N SER A 41 -1.61 -5.52 -25.44
CA SER A 41 -0.50 -6.09 -26.21
C SER A 41 -1.03 -7.03 -27.29
N GLY A 42 -0.20 -7.27 -28.30
CA GLY A 42 -0.60 -8.16 -29.38
C GLY A 42 -0.76 -9.60 -28.92
N PRO A 43 -0.84 -10.53 -29.89
CA PRO A 43 -1.00 -11.95 -29.61
C PRO A 43 0.25 -12.56 -29.00
N SER A 44 0.40 -12.43 -27.68
CA SER A 44 1.55 -12.97 -26.98
C SER A 44 1.38 -14.46 -26.72
N SER A 45 2.46 -15.10 -26.24
CA SER A 45 2.43 -16.53 -25.96
C SER A 45 1.08 -16.95 -25.40
N GLY A 46 0.46 -17.93 -26.05
CA GLY A 46 -0.84 -18.41 -25.61
C GLY A 46 -1.74 -18.80 -26.76
N GLY A 1 9.93 -9.77 29.44
CA GLY A 1 9.08 -9.01 30.34
C GLY A 1 8.12 -8.09 29.61
N SER A 2 7.37 -8.66 28.66
CA SER A 2 6.43 -7.87 27.87
C SER A 2 7.03 -6.55 27.45
N SER A 3 8.30 -6.59 27.03
CA SER A 3 9.00 -5.38 26.60
C SER A 3 8.06 -4.43 25.87
N GLY A 4 8.35 -3.14 25.95
CA GLY A 4 7.52 -2.15 25.29
C GLY A 4 6.18 -1.96 25.98
N SER A 5 5.95 -0.76 26.52
CA SER A 5 4.71 -0.47 27.22
C SER A 5 3.50 -0.78 26.33
N SER A 6 3.54 -0.30 25.09
CA SER A 6 2.45 -0.51 24.16
C SER A 6 2.61 -1.86 23.44
N GLY A 7 1.63 -2.22 22.64
CA GLY A 7 1.68 -3.48 21.91
C GLY A 7 0.49 -3.65 20.98
N THR A 8 0.04 -2.55 20.38
CA THR A 8 -1.09 -2.60 19.46
C THR A 8 -0.71 -2.01 18.10
N LYS A 9 -0.39 -2.88 17.15
CA LYS A 9 -0.02 -2.45 15.81
C LYS A 9 -1.24 -1.94 15.04
N GLU A 10 -1.11 -0.75 14.47
CA GLU A 10 -2.20 -0.15 13.70
C GLU A 10 -1.71 0.34 12.35
N LYS A 11 -2.53 0.12 11.31
CA LYS A 11 -2.18 0.54 9.96
C LYS A 11 -0.67 0.43 9.73
N PRO A 12 -0.10 -0.75 10.03
CA PRO A 12 1.32 -1.01 9.86
C PRO A 12 1.73 -1.07 8.39
N TYR A 13 0.82 -1.54 7.55
CA TYR A 13 1.08 -1.66 6.13
C TYR A 13 1.06 -0.30 5.45
N LYS A 14 2.20 0.09 4.88
CA LYS A 14 2.31 1.37 4.20
C LYS A 14 2.54 1.18 2.70
N CYS A 15 1.81 1.93 1.90
CA CYS A 15 1.93 1.84 0.44
C CYS A 15 3.25 2.47 -0.03
N TYR A 16 4.22 1.62 -0.32
CA TYR A 16 5.53 2.09 -0.77
C TYR A 16 5.41 2.83 -2.10
N GLU A 17 4.23 2.74 -2.71
CA GLU A 17 3.98 3.41 -3.98
C GLU A 17 3.80 4.91 -3.78
N CYS A 18 2.90 5.28 -2.88
CA CYS A 18 2.63 6.69 -2.59
C CYS A 18 3.02 7.03 -1.16
N GLY A 19 2.69 6.13 -0.23
CA GLY A 19 3.01 6.36 1.17
C GLY A 19 1.81 6.22 2.07
N LYS A 20 0.73 5.66 1.53
CA LYS A 20 -0.49 5.46 2.30
C LYS A 20 -0.30 4.41 3.38
N ALA A 21 -1.34 4.19 4.17
CA ALA A 21 -1.28 3.19 5.24
C ALA A 21 -2.55 2.34 5.28
N PHE A 22 -2.45 1.17 5.89
CA PHE A 22 -3.59 0.26 5.99
C PHE A 22 -3.37 -0.77 7.09
N ARG A 23 -4.46 -1.19 7.73
CA ARG A 23 -4.38 -2.18 8.80
C ARG A 23 -3.91 -3.52 8.27
N THR A 24 -4.50 -3.96 7.16
CA THR A 24 -4.13 -5.23 6.54
C THR A 24 -3.71 -5.04 5.10
N ARG A 25 -3.46 -6.16 4.41
CA ARG A 25 -3.05 -6.11 3.01
C ARG A 25 -4.22 -5.75 2.11
N SER A 26 -5.26 -6.58 2.14
CA SER A 26 -6.45 -6.36 1.33
C SER A 26 -6.81 -4.87 1.28
N ASN A 27 -6.80 -4.24 2.45
CA ASN A 27 -7.13 -2.83 2.54
C ASN A 27 -6.09 -1.98 1.83
N LEU A 28 -4.84 -2.44 1.84
CA LEU A 28 -3.76 -1.72 1.19
C LEU A 28 -3.78 -1.93 -0.32
N THR A 29 -3.67 -3.19 -0.73
CA THR A 29 -3.69 -3.54 -2.15
C THR A 29 -4.87 -2.89 -2.87
N THR A 30 -6.05 -3.03 -2.28
CA THR A 30 -7.26 -2.46 -2.87
C THR A 30 -7.03 -1.00 -3.28
N HIS A 31 -6.09 -0.34 -2.62
CA HIS A 31 -5.77 1.05 -2.93
C HIS A 31 -4.60 1.13 -3.90
N GLN A 32 -3.67 0.19 -3.78
CA GLN A 32 -2.50 0.16 -4.65
C GLN A 32 -2.91 0.04 -6.11
N VAL A 33 -4.16 -0.35 -6.35
CA VAL A 33 -4.67 -0.50 -7.70
C VAL A 33 -4.44 0.76 -8.52
N ILE A 34 -4.42 1.91 -7.84
CA ILE A 34 -4.21 3.19 -8.51
C ILE A 34 -2.81 3.26 -9.12
N HIS A 35 -1.89 2.46 -8.60
CA HIS A 35 -0.52 2.43 -9.09
C HIS A 35 -0.35 1.32 -10.11
N THR A 36 -1.38 0.50 -10.28
CA THR A 36 -1.33 -0.61 -11.23
C THR A 36 -1.89 -0.20 -12.59
N GLY A 37 -1.38 0.90 -13.13
CA GLY A 37 -1.85 1.37 -14.41
C GLY A 37 -2.93 2.43 -14.29
N GLU A 38 -2.92 3.40 -15.19
CA GLU A 38 -3.91 4.47 -15.17
C GLU A 38 -4.57 4.62 -16.54
N LYS A 39 -3.76 4.81 -17.57
CA LYS A 39 -4.27 4.98 -18.93
C LYS A 39 -5.25 3.86 -19.27
N ARG A 40 -4.85 2.62 -19.02
CA ARG A 40 -5.70 1.47 -19.30
C ARG A 40 -6.72 1.26 -18.18
N SER A 41 -7.39 2.33 -17.78
CA SER A 41 -8.39 2.26 -16.72
C SER A 41 -9.79 2.10 -17.30
N GLY A 42 -10.17 3.02 -18.19
CA GLY A 42 -11.48 2.96 -18.80
C GLY A 42 -12.02 4.34 -19.14
N PRO A 43 -11.71 4.82 -20.36
CA PRO A 43 -12.15 6.12 -20.83
C PRO A 43 -13.66 6.18 -21.09
N SER A 44 -14.16 7.37 -21.38
CA SER A 44 -15.59 7.55 -21.64
C SER A 44 -15.81 8.56 -22.75
N SER A 45 -16.45 8.12 -23.84
CA SER A 45 -16.73 9.00 -24.97
C SER A 45 -17.05 10.40 -24.51
N GLY A 46 -17.99 10.52 -23.58
CA GLY A 46 -18.38 11.82 -23.07
C GLY A 46 -19.69 11.77 -22.28
N GLY A 1 14.51 7.08 19.35
CA GLY A 1 14.28 8.48 19.06
C GLY A 1 14.07 8.73 17.59
N SER A 2 13.02 8.14 17.02
CA SER A 2 12.71 8.31 15.61
C SER A 2 11.35 8.98 15.42
N SER A 3 11.08 9.99 16.23
CA SER A 3 9.81 10.73 16.16
C SER A 3 8.66 9.76 15.92
N GLY A 4 8.68 8.63 16.62
CA GLY A 4 7.62 7.64 16.47
C GLY A 4 7.77 6.48 17.42
N SER A 5 7.19 6.60 18.60
CA SER A 5 7.27 5.55 19.61
C SER A 5 5.88 5.03 19.96
N SER A 6 5.58 3.80 19.52
CA SER A 6 4.29 3.19 19.78
C SER A 6 4.43 1.68 19.94
N GLY A 7 3.36 1.04 20.42
CA GLY A 7 3.37 -0.40 20.60
C GLY A 7 2.35 -1.11 19.75
N THR A 8 1.11 -0.64 19.80
CA THR A 8 0.04 -1.25 19.02
C THR A 8 0.40 -1.32 17.54
N LYS A 9 -0.17 -2.31 16.85
CA LYS A 9 0.09 -2.47 15.42
C LYS A 9 -1.10 -2.00 14.59
N GLU A 10 -1.21 -0.69 14.41
CA GLU A 10 -2.29 -0.11 13.63
C GLU A 10 -1.79 0.36 12.26
N LYS A 11 -2.59 0.13 11.24
CA LYS A 11 -2.23 0.53 9.88
C LYS A 11 -0.73 0.44 9.66
N PRO A 12 -0.15 -0.72 9.99
CA PRO A 12 1.28 -0.98 9.84
C PRO A 12 1.70 -1.07 8.38
N TYR A 13 0.78 -1.52 7.53
CA TYR A 13 1.06 -1.67 6.10
C TYR A 13 1.06 -0.31 5.42
N LYS A 14 2.23 0.10 4.92
CA LYS A 14 2.36 1.38 4.24
C LYS A 14 2.59 1.18 2.75
N CYS A 15 1.86 1.93 1.94
CA CYS A 15 1.98 1.84 0.49
C CYS A 15 3.27 2.48 0.00
N TYR A 16 4.25 1.65 -0.32
CA TYR A 16 5.54 2.14 -0.79
C TYR A 16 5.40 2.88 -2.12
N GLU A 17 4.22 2.76 -2.73
CA GLU A 17 3.94 3.41 -4.00
C GLU A 17 3.76 4.92 -3.81
N CYS A 18 2.90 5.28 -2.86
CA CYS A 18 2.63 6.68 -2.58
C CYS A 18 3.03 7.05 -1.16
N GLY A 19 2.74 6.14 -0.23
CA GLY A 19 3.08 6.38 1.16
C GLY A 19 1.88 6.27 2.08
N LYS A 20 0.80 5.68 1.57
CA LYS A 20 -0.42 5.51 2.35
C LYS A 20 -0.24 4.45 3.43
N ALA A 21 -1.30 4.18 4.18
CA ALA A 21 -1.25 3.19 5.25
C ALA A 21 -2.53 2.36 5.28
N PHE A 22 -2.45 1.17 5.87
CA PHE A 22 -3.60 0.28 5.96
C PHE A 22 -3.38 -0.78 7.04
N ARG A 23 -4.46 -1.18 7.69
CA ARG A 23 -4.40 -2.19 8.75
C ARG A 23 -3.97 -3.54 8.18
N THR A 24 -4.72 -4.03 7.20
CA THR A 24 -4.43 -5.31 6.57
C THR A 24 -3.93 -5.13 5.14
N ARG A 25 -3.67 -6.24 4.46
CA ARG A 25 -3.19 -6.19 3.09
C ARG A 25 -4.31 -5.78 2.13
N SER A 26 -5.38 -6.56 2.11
CA SER A 26 -6.52 -6.28 1.24
C SER A 26 -6.84 -4.79 1.22
N ASN A 27 -6.86 -4.18 2.40
CA ASN A 27 -7.14 -2.75 2.52
C ASN A 27 -6.07 -1.92 1.83
N LEU A 28 -4.84 -2.42 1.86
CA LEU A 28 -3.71 -1.73 1.23
C LEU A 28 -3.72 -1.95 -0.28
N THR A 29 -3.58 -3.21 -0.69
CA THR A 29 -3.57 -3.57 -2.10
C THR A 29 -4.74 -2.93 -2.84
N THR A 30 -5.93 -3.06 -2.27
CA THR A 30 -7.13 -2.51 -2.87
C THR A 30 -6.91 -1.06 -3.31
N HIS A 31 -6.03 -0.36 -2.61
CA HIS A 31 -5.73 1.03 -2.92
C HIS A 31 -4.55 1.12 -3.89
N GLN A 32 -3.63 0.17 -3.79
CA GLN A 32 -2.45 0.14 -4.65
C GLN A 32 -2.87 0.03 -6.12
N VAL A 33 -4.10 -0.40 -6.35
CA VAL A 33 -4.62 -0.55 -7.70
C VAL A 33 -4.41 0.73 -8.52
N ILE A 34 -4.52 1.86 -7.85
CA ILE A 34 -4.35 3.15 -8.51
C ILE A 34 -2.98 3.24 -9.18
N HIS A 35 -2.00 2.57 -8.60
CA HIS A 35 -0.64 2.57 -9.13
C HIS A 35 -0.45 1.43 -10.14
N THR A 36 -1.36 0.47 -10.10
CA THR A 36 -1.30 -0.67 -11.01
C THR A 36 -2.02 -0.39 -12.31
N GLY A 37 -1.53 -0.98 -13.40
CA GLY A 37 -2.16 -0.78 -14.70
C GLY A 37 -1.43 -1.49 -15.81
N GLU A 38 -2.17 -2.30 -16.57
CA GLU A 38 -1.58 -3.06 -17.67
C GLU A 38 -2.54 -3.14 -18.85
N LYS A 39 -2.17 -2.49 -19.96
CA LYS A 39 -3.01 -2.49 -21.15
C LYS A 39 -2.19 -2.92 -22.38
N ARG A 40 -2.07 -4.22 -22.57
CA ARG A 40 -1.32 -4.76 -23.70
C ARG A 40 -2.24 -5.55 -24.63
N SER A 41 -2.50 -4.99 -25.81
CA SER A 41 -3.37 -5.63 -26.79
C SER A 41 -2.95 -5.25 -28.21
N GLY A 42 -3.10 -6.20 -29.13
CA GLY A 42 -2.74 -5.95 -30.51
C GLY A 42 -3.93 -5.56 -31.37
N PRO A 43 -4.38 -6.49 -32.22
CA PRO A 43 -5.53 -6.26 -33.11
C PRO A 43 -6.85 -6.18 -32.34
N SER A 44 -7.92 -5.83 -33.05
CA SER A 44 -9.23 -5.71 -32.43
C SER A 44 -9.57 -6.96 -31.63
N SER A 45 -10.22 -6.76 -30.49
CA SER A 45 -10.60 -7.86 -29.62
C SER A 45 -11.53 -7.39 -28.51
N GLY A 46 -12.66 -8.07 -28.34
CA GLY A 46 -13.61 -7.70 -27.31
C GLY A 46 -14.38 -6.44 -27.65
N GLY A 1 4.02 22.67 20.50
CA GLY A 1 4.14 21.43 19.76
C GLY A 1 2.85 21.01 19.10
N SER A 2 2.03 20.26 19.83
CA SER A 2 0.75 19.78 19.32
C SER A 2 0.96 18.81 18.17
N SER A 3 1.93 17.91 18.33
CA SER A 3 2.24 16.92 17.30
C SER A 3 1.83 15.53 17.76
N GLY A 4 2.32 15.13 18.94
CA GLY A 4 2.01 13.82 19.46
C GLY A 4 2.78 12.71 18.78
N SER A 5 2.52 11.46 19.17
CA SER A 5 3.21 10.32 18.59
C SER A 5 2.54 9.02 19.03
N SER A 6 1.97 8.30 18.06
CA SER A 6 1.30 7.03 18.34
C SER A 6 1.10 6.23 17.06
N GLY A 7 1.60 5.00 17.05
CA GLY A 7 1.46 4.15 15.89
C GLY A 7 2.01 2.76 16.11
N THR A 8 1.34 1.97 16.94
CA THR A 8 1.77 0.62 17.24
C THR A 8 0.62 -0.37 17.11
N LYS A 9 0.80 -1.36 16.24
CA LYS A 9 -0.22 -2.37 16.01
C LYS A 9 -1.44 -1.78 15.30
N GLU A 10 -1.19 -0.89 14.34
CA GLU A 10 -2.26 -0.25 13.60
C GLU A 10 -1.75 0.26 12.25
N LYS A 11 -2.55 0.06 11.22
CA LYS A 11 -2.19 0.50 9.87
C LYS A 11 -0.68 0.38 9.64
N PRO A 12 -0.13 -0.81 9.94
CA PRO A 12 1.30 -1.08 9.78
C PRO A 12 1.72 -1.14 8.31
N TYR A 13 0.79 -1.55 7.46
CA TYR A 13 1.07 -1.66 6.03
C TYR A 13 1.06 -0.29 5.37
N LYS A 14 2.23 0.12 4.87
CA LYS A 14 2.37 1.42 4.22
C LYS A 14 2.61 1.24 2.72
N CYS A 15 1.82 1.94 1.91
CA CYS A 15 1.97 1.86 0.46
C CYS A 15 3.27 2.51 0.00
N TYR A 16 4.23 1.68 -0.37
CA TYR A 16 5.53 2.18 -0.82
C TYR A 16 5.39 2.93 -2.15
N GLU A 17 4.22 2.83 -2.76
CA GLU A 17 3.95 3.50 -4.02
C GLU A 17 3.76 5.00 -3.82
N CYS A 18 2.88 5.36 -2.88
CA CYS A 18 2.60 6.76 -2.58
C CYS A 18 2.98 7.09 -1.14
N GLY A 19 2.72 6.15 -0.23
CA GLY A 19 3.04 6.37 1.17
C GLY A 19 1.84 6.22 2.07
N LYS A 20 0.75 5.69 1.52
CA LYS A 20 -0.48 5.50 2.28
C LYS A 20 -0.29 4.44 3.37
N ALA A 21 -1.34 4.20 4.15
CA ALA A 21 -1.29 3.22 5.21
C ALA A 21 -2.56 2.38 5.24
N PHE A 22 -2.47 1.19 5.84
CA PHE A 22 -3.61 0.29 5.94
C PHE A 22 -3.38 -0.76 7.02
N ARG A 23 -4.47 -1.20 7.65
CA ARG A 23 -4.39 -2.21 8.70
C ARG A 23 -3.97 -3.56 8.13
N THR A 24 -4.77 -4.08 7.21
CA THR A 24 -4.48 -5.37 6.59
C THR A 24 -3.96 -5.18 5.17
N ARG A 25 -3.74 -6.29 4.47
CA ARG A 25 -3.22 -6.26 3.10
C ARG A 25 -4.33 -5.83 2.14
N SER A 26 -5.42 -6.59 2.12
CA SER A 26 -6.53 -6.29 1.23
C SER A 26 -6.85 -4.79 1.24
N ASN A 27 -6.83 -4.20 2.42
CA ASN A 27 -7.11 -2.78 2.56
C ASN A 27 -6.04 -1.93 1.87
N LEU A 28 -4.82 -2.44 1.85
CA LEU A 28 -3.71 -1.74 1.21
C LEU A 28 -3.71 -1.97 -0.29
N THR A 29 -3.57 -3.23 -0.70
CA THR A 29 -3.56 -3.57 -2.12
C THR A 29 -4.75 -2.95 -2.85
N THR A 30 -5.93 -3.05 -2.24
CA THR A 30 -7.14 -2.50 -2.83
C THR A 30 -6.93 -1.06 -3.27
N HIS A 31 -6.03 -0.36 -2.59
CA HIS A 31 -5.74 1.03 -2.91
C HIS A 31 -4.57 1.12 -3.89
N GLN A 32 -3.62 0.21 -3.76
CA GLN A 32 -2.44 0.19 -4.62
C GLN A 32 -2.85 0.04 -6.09
N VAL A 33 -4.10 -0.35 -6.31
CA VAL A 33 -4.62 -0.53 -7.66
C VAL A 33 -4.42 0.73 -8.49
N ILE A 34 -4.48 1.87 -7.83
CA ILE A 34 -4.31 3.16 -8.51
C ILE A 34 -2.94 3.26 -9.16
N HIS A 35 -1.97 2.54 -8.59
CA HIS A 35 -0.61 2.55 -9.11
C HIS A 35 -0.41 1.42 -10.13
N THR A 36 -1.38 0.52 -10.20
CA THR A 36 -1.31 -0.60 -11.12
C THR A 36 -2.00 -0.28 -12.45
N GLY A 37 -1.82 0.96 -12.91
CA GLY A 37 -2.44 1.37 -14.15
C GLY A 37 -1.46 1.36 -15.31
N GLU A 38 -1.25 2.53 -15.91
CA GLU A 38 -0.33 2.65 -17.04
C GLU A 38 1.09 2.27 -16.63
N LYS A 39 1.65 3.02 -15.69
CA LYS A 39 3.00 2.77 -15.20
C LYS A 39 3.02 1.57 -14.26
N ARG A 40 3.05 0.37 -14.83
CA ARG A 40 3.08 -0.85 -14.04
C ARG A 40 4.51 -1.29 -13.76
N SER A 41 5.32 -1.39 -14.81
CA SER A 41 6.71 -1.80 -14.67
C SER A 41 7.57 -0.63 -14.21
N GLY A 42 7.71 -0.49 -12.90
CA GLY A 42 8.51 0.59 -12.36
C GLY A 42 9.65 0.10 -11.48
N PRO A 43 9.59 0.41 -10.18
CA PRO A 43 10.61 -0.01 -9.22
C PRO A 43 10.59 -1.51 -8.96
N SER A 44 11.59 -2.22 -9.48
CA SER A 44 11.68 -3.66 -9.30
C SER A 44 11.49 -4.04 -7.84
N SER A 45 10.38 -4.72 -7.54
CA SER A 45 10.08 -5.13 -6.18
C SER A 45 9.51 -6.54 -6.15
N GLY A 46 9.82 -7.29 -5.10
CA GLY A 46 9.32 -8.65 -4.98
C GLY A 46 10.22 -9.52 -4.11
N GLY A 1 4.14 14.38 11.89
CA GLY A 1 4.15 15.74 12.42
C GLY A 1 4.14 15.76 13.94
N SER A 2 3.22 15.01 14.54
CA SER A 2 3.11 14.95 15.99
C SER A 2 3.73 13.67 16.54
N SER A 3 4.98 13.77 16.98
CA SER A 3 5.69 12.62 17.51
C SER A 3 5.47 12.49 19.02
N GLY A 4 5.62 11.28 19.53
CA GLY A 4 5.43 11.05 20.96
C GLY A 4 4.03 11.37 21.41
N SER A 5 3.04 10.80 20.71
CA SER A 5 1.64 11.04 21.06
C SER A 5 0.78 9.83 20.73
N SER A 6 -0.10 9.46 21.66
CA SER A 6 -0.97 8.31 21.46
C SER A 6 -2.02 8.59 20.38
N GLY A 7 -1.72 8.16 19.16
CA GLY A 7 -2.64 8.37 18.05
C GLY A 7 -3.06 7.08 17.39
N THR A 8 -2.81 6.97 16.09
CA THR A 8 -3.17 5.78 15.33
C THR A 8 -2.06 4.73 15.40
N LYS A 9 -2.15 3.85 16.38
CA LYS A 9 -1.15 2.80 16.55
C LYS A 9 -1.40 1.65 15.58
N GLU A 10 -2.38 1.82 14.69
CA GLU A 10 -2.71 0.81 13.71
C GLU A 10 -2.27 1.23 12.31
N LYS A 11 -2.60 0.41 11.32
CA LYS A 11 -2.25 0.70 9.93
C LYS A 11 -0.74 0.53 9.72
N PRO A 12 -0.22 -0.66 10.06
CA PRO A 12 1.21 -0.97 9.91
C PRO A 12 1.62 -1.11 8.46
N TYR A 13 0.67 -1.50 7.61
CA TYR A 13 0.95 -1.67 6.19
C TYR A 13 0.98 -0.32 5.48
N LYS A 14 2.15 0.03 4.96
CA LYS A 14 2.33 1.29 4.25
C LYS A 14 2.57 1.05 2.76
N CYS A 15 1.89 1.82 1.92
CA CYS A 15 2.04 1.69 0.48
C CYS A 15 3.37 2.27 0.01
N TYR A 16 4.24 1.42 -0.50
CA TYR A 16 5.56 1.84 -0.97
C TYR A 16 5.43 2.59 -2.29
N GLU A 17 4.23 2.56 -2.87
CA GLU A 17 3.99 3.24 -4.14
C GLU A 17 3.82 4.74 -3.93
N CYS A 18 2.99 5.12 -2.96
CA CYS A 18 2.74 6.52 -2.65
C CYS A 18 3.18 6.86 -1.24
N GLY A 19 2.88 5.95 -0.31
CA GLY A 19 3.24 6.18 1.08
C GLY A 19 2.05 6.13 2.01
N LYS A 20 0.94 5.58 1.52
CA LYS A 20 -0.27 5.48 2.32
C LYS A 20 -0.12 4.44 3.42
N ALA A 21 -1.21 4.19 4.14
CA ALA A 21 -1.19 3.20 5.22
C ALA A 21 -2.49 2.41 5.26
N PHE A 22 -2.44 1.23 5.87
CA PHE A 22 -3.61 0.36 5.96
C PHE A 22 -3.43 -0.69 7.06
N ARG A 23 -4.53 -1.08 7.68
CA ARG A 23 -4.49 -2.07 8.75
C ARG A 23 -4.11 -3.45 8.20
N THR A 24 -4.87 -3.93 7.22
CA THR A 24 -4.61 -5.23 6.62
C THR A 24 -4.07 -5.08 5.19
N ARG A 25 -3.68 -6.19 4.60
CA ARG A 25 -3.14 -6.17 3.24
C ARG A 25 -4.23 -5.86 2.22
N SER A 26 -5.32 -6.61 2.27
CA SER A 26 -6.43 -6.41 1.35
C SER A 26 -6.81 -4.94 1.28
N ASN A 27 -6.77 -4.26 2.43
CA ASN A 27 -7.10 -2.85 2.50
C ASN A 27 -6.05 -1.99 1.81
N LEU A 28 -4.81 -2.47 1.83
CA LEU A 28 -3.70 -1.75 1.21
C LEU A 28 -3.69 -1.97 -0.30
N THR A 29 -3.63 -3.23 -0.72
CA THR A 29 -3.62 -3.57 -2.13
C THR A 29 -4.78 -2.91 -2.86
N THR A 30 -5.98 -3.04 -2.30
CA THR A 30 -7.17 -2.45 -2.90
C THR A 30 -6.92 -1.01 -3.34
N HIS A 31 -6.01 -0.33 -2.64
CA HIS A 31 -5.68 1.05 -2.95
C HIS A 31 -4.52 1.11 -3.94
N GLN A 32 -3.59 0.16 -3.82
CA GLN A 32 -2.43 0.11 -4.70
C GLN A 32 -2.86 -0.01 -6.16
N VAL A 33 -4.13 -0.32 -6.37
CA VAL A 33 -4.66 -0.46 -7.72
C VAL A 33 -4.46 0.81 -8.53
N ILE A 34 -4.50 1.95 -7.85
CA ILE A 34 -4.33 3.24 -8.51
C ILE A 34 -2.97 3.32 -9.20
N HIS A 35 -2.00 2.58 -8.67
CA HIS A 35 -0.65 2.57 -9.23
C HIS A 35 -0.50 1.46 -10.26
N THR A 36 -1.46 0.53 -10.27
CA THR A 36 -1.44 -0.58 -11.20
C THR A 36 -2.31 -0.29 -12.42
N GLY A 37 -1.93 -0.87 -13.56
CA GLY A 37 -2.69 -0.66 -14.78
C GLY A 37 -2.08 -1.37 -15.97
N GLU A 38 -1.36 -0.63 -16.81
CA GLU A 38 -0.72 -1.20 -17.98
C GLU A 38 0.59 -0.47 -18.29
N LYS A 39 1.37 -1.05 -19.20
CA LYS A 39 2.65 -0.47 -19.58
C LYS A 39 3.54 -0.26 -18.37
N ARG A 40 3.53 -1.23 -17.45
CA ARG A 40 4.34 -1.17 -16.25
C ARG A 40 5.38 -2.28 -16.22
N SER A 41 6.02 -2.52 -17.36
CA SER A 41 7.02 -3.56 -17.46
C SER A 41 6.59 -4.82 -16.71
N GLY A 42 5.32 -5.18 -16.86
CA GLY A 42 4.80 -6.36 -16.20
C GLY A 42 5.80 -7.49 -16.16
N PRO A 43 6.12 -7.98 -14.95
CA PRO A 43 7.08 -9.08 -14.76
C PRO A 43 6.53 -10.40 -15.26
N SER A 44 5.30 -10.39 -15.76
CA SER A 44 4.65 -11.60 -16.26
C SER A 44 5.53 -12.29 -17.30
N SER A 45 5.61 -13.61 -17.23
CA SER A 45 6.41 -14.39 -18.16
C SER A 45 5.80 -14.34 -19.56
N GLY A 46 6.50 -13.69 -20.49
CA GLY A 46 6.02 -13.59 -21.85
C GLY A 46 5.61 -12.18 -22.22
N GLY A 1 8.76 -5.63 32.02
CA GLY A 1 8.25 -4.31 31.65
C GLY A 1 7.25 -4.37 30.51
N SER A 2 6.25 -5.24 30.65
CA SER A 2 5.23 -5.40 29.62
C SER A 2 3.88 -4.88 30.13
N SER A 3 3.70 -3.56 30.04
CA SER A 3 2.46 -2.94 30.49
C SER A 3 2.03 -1.83 29.52
N GLY A 4 0.82 -1.32 29.72
CA GLY A 4 0.32 -0.26 28.85
C GLY A 4 0.57 -0.54 27.39
N SER A 5 0.24 -1.75 26.95
CA SER A 5 0.43 -2.15 25.57
C SER A 5 0.05 -1.00 24.62
N SER A 6 -1.12 -0.42 24.85
CA SER A 6 -1.61 0.67 24.02
C SER A 6 -0.52 1.73 23.83
N GLY A 7 -0.34 2.16 22.59
CA GLY A 7 0.66 3.17 22.29
C GLY A 7 0.98 3.26 20.81
N THR A 8 1.18 2.11 20.19
CA THR A 8 1.50 2.05 18.77
C THR A 8 0.27 2.38 17.91
N LYS A 9 0.50 3.02 16.78
CA LYS A 9 -0.58 3.38 15.87
C LYS A 9 -0.81 2.30 14.84
N GLU A 10 -2.07 1.87 14.70
CA GLU A 10 -2.42 0.83 13.74
C GLU A 10 -2.07 1.26 12.32
N LYS A 11 -2.44 0.42 11.34
CA LYS A 11 -2.15 0.72 9.95
C LYS A 11 -0.66 0.59 9.65
N PRO A 12 -0.08 -0.56 10.02
CA PRO A 12 1.34 -0.83 9.79
C PRO A 12 1.68 -1.01 8.32
N TYR A 13 0.71 -1.48 7.55
CA TYR A 13 0.91 -1.70 6.12
C TYR A 13 0.92 -0.38 5.36
N LYS A 14 2.12 0.07 4.99
CA LYS A 14 2.27 1.32 4.25
C LYS A 14 2.50 1.05 2.76
N CYS A 15 1.83 1.84 1.91
CA CYS A 15 1.97 1.69 0.48
C CYS A 15 3.33 2.20 0.00
N TYR A 16 4.12 1.31 -0.57
CA TYR A 16 5.44 1.67 -1.07
C TYR A 16 5.35 2.33 -2.44
N GLU A 17 4.14 2.73 -2.82
CA GLU A 17 3.91 3.38 -4.10
C GLU A 17 3.69 4.88 -3.92
N CYS A 18 2.85 5.23 -2.95
CA CYS A 18 2.55 6.63 -2.67
C CYS A 18 2.96 7.00 -1.25
N GLY A 19 2.75 6.08 -0.32
CA GLY A 19 3.09 6.33 1.08
C GLY A 19 1.89 6.23 1.99
N LYS A 20 0.81 5.64 1.50
CA LYS A 20 -0.40 5.48 2.28
C LYS A 20 -0.22 4.44 3.38
N ALA A 21 -1.28 4.19 4.14
CA ALA A 21 -1.23 3.20 5.22
C ALA A 21 -2.52 2.39 5.29
N PHE A 22 -2.44 1.20 5.87
CA PHE A 22 -3.60 0.33 5.99
C PHE A 22 -3.36 -0.74 7.06
N ARG A 23 -4.46 -1.31 7.55
CA ARG A 23 -4.38 -2.34 8.59
C ARG A 23 -4.07 -3.70 7.97
N THR A 24 -4.95 -4.16 7.08
CA THR A 24 -4.77 -5.44 6.43
C THR A 24 -4.33 -5.27 4.97
N ARG A 25 -3.66 -6.28 4.43
CA ARG A 25 -3.18 -6.23 3.06
C ARG A 25 -4.29 -5.79 2.11
N SER A 26 -5.37 -6.57 2.08
CA SER A 26 -6.50 -6.27 1.22
C SER A 26 -6.80 -4.78 1.22
N ASN A 27 -6.80 -4.18 2.40
CA ASN A 27 -7.07 -2.75 2.53
C ASN A 27 -5.99 -1.92 1.85
N LEU A 28 -4.77 -2.43 1.87
CA LEU A 28 -3.65 -1.73 1.26
C LEU A 28 -3.64 -1.94 -0.26
N THR A 29 -3.55 -3.20 -0.68
CA THR A 29 -3.53 -3.52 -2.10
C THR A 29 -4.71 -2.88 -2.82
N THR A 30 -5.91 -3.05 -2.28
CA THR A 30 -7.10 -2.48 -2.87
C THR A 30 -6.88 -1.04 -3.30
N HIS A 31 -6.01 -0.34 -2.58
CA HIS A 31 -5.70 1.05 -2.89
C HIS A 31 -4.54 1.13 -3.88
N GLN A 32 -3.60 0.20 -3.78
CA GLN A 32 -2.44 0.18 -4.66
C GLN A 32 -2.87 0.04 -6.11
N VAL A 33 -4.12 -0.38 -6.32
CA VAL A 33 -4.65 -0.55 -7.67
C VAL A 33 -4.48 0.72 -8.50
N ILE A 34 -4.52 1.86 -7.83
CA ILE A 34 -4.36 3.15 -8.51
C ILE A 34 -2.99 3.25 -9.17
N HIS A 35 -2.03 2.51 -8.64
CA HIS A 35 -0.68 2.52 -9.19
C HIS A 35 -0.50 1.41 -10.21
N THR A 36 -1.48 0.52 -10.29
CA THR A 36 -1.43 -0.60 -11.23
C THR A 36 -2.06 -0.22 -12.57
N GLY A 37 -1.79 1.00 -13.02
CA GLY A 37 -2.34 1.46 -14.28
C GLY A 37 -2.30 2.97 -14.42
N GLU A 38 -2.63 3.47 -15.60
CA GLU A 38 -2.63 4.91 -15.86
C GLU A 38 -3.91 5.33 -16.59
N LYS A 39 -4.65 6.25 -15.99
CA LYS A 39 -5.89 6.74 -16.59
C LYS A 39 -5.69 7.07 -18.06
N ARG A 40 -6.56 6.53 -18.91
CA ARG A 40 -6.49 6.77 -20.34
C ARG A 40 -7.45 7.87 -20.76
N SER A 41 -6.96 8.81 -21.56
CA SER A 41 -7.77 9.92 -22.04
C SER A 41 -8.69 9.48 -23.18
N GLY A 42 -9.99 9.62 -22.97
CA GLY A 42 -10.95 9.23 -23.99
C GLY A 42 -12.21 10.08 -23.95
N PRO A 43 -13.34 9.48 -24.38
CA PRO A 43 -14.63 10.17 -24.40
C PRO A 43 -15.18 10.42 -23.01
N SER A 44 -16.34 11.06 -22.94
CA SER A 44 -16.97 11.36 -21.65
C SER A 44 -17.18 10.09 -20.83
N SER A 45 -17.53 10.26 -19.57
CA SER A 45 -17.77 9.12 -18.68
C SER A 45 -19.09 9.28 -17.94
N GLY A 46 -19.27 10.42 -17.27
CA GLY A 46 -20.49 10.67 -16.53
C GLY A 46 -21.73 10.23 -17.30
N GLY A 1 12.43 20.04 20.92
CA GLY A 1 11.74 19.30 21.96
C GLY A 1 11.86 17.80 21.80
N SER A 2 12.53 17.16 22.75
CA SER A 2 12.71 15.71 22.70
C SER A 2 11.55 14.99 23.37
N SER A 3 11.38 13.72 23.03
CA SER A 3 10.30 12.92 23.59
C SER A 3 10.55 11.43 23.38
N GLY A 4 9.71 10.60 23.98
CA GLY A 4 9.87 9.16 23.86
C GLY A 4 8.74 8.52 23.06
N SER A 5 8.69 7.19 23.07
CA SER A 5 7.66 6.46 22.34
C SER A 5 6.73 5.74 23.30
N SER A 6 5.51 6.26 23.42
CA SER A 6 4.51 5.67 24.30
C SER A 6 3.28 5.22 23.53
N GLY A 7 2.68 4.12 23.96
CA GLY A 7 1.50 3.60 23.28
C GLY A 7 1.84 2.91 21.98
N THR A 8 0.83 2.32 21.34
CA THR A 8 1.01 1.63 20.08
C THR A 8 0.14 2.23 18.98
N LYS A 9 0.59 2.10 17.74
CA LYS A 9 -0.15 2.62 16.60
C LYS A 9 -0.52 1.51 15.63
N GLU A 10 -1.59 1.74 14.86
CA GLU A 10 -2.04 0.75 13.89
C GLU A 10 -1.71 1.17 12.47
N LYS A 11 -2.15 0.38 11.50
CA LYS A 11 -1.90 0.68 10.09
C LYS A 11 -0.43 0.51 9.76
N PRO A 12 0.12 -0.68 10.04
CA PRO A 12 1.53 -0.99 9.78
C PRO A 12 1.83 -1.12 8.29
N TYR A 13 0.82 -1.54 7.53
CA TYR A 13 0.97 -1.70 6.08
C TYR A 13 1.00 -0.35 5.39
N LYS A 14 2.17 0.06 4.92
CA LYS A 14 2.32 1.33 4.23
C LYS A 14 2.56 1.11 2.74
N CYS A 15 1.85 1.88 1.91
CA CYS A 15 1.98 1.77 0.46
C CYS A 15 3.30 2.38 -0.01
N TYR A 16 4.25 1.51 -0.36
CA TYR A 16 5.56 1.96 -0.83
C TYR A 16 5.44 2.69 -2.16
N GLU A 17 4.25 2.63 -2.77
CA GLU A 17 4.01 3.30 -4.04
C GLU A 17 3.83 4.80 -3.85
N CYS A 18 2.94 5.16 -2.93
CA CYS A 18 2.66 6.57 -2.65
C CYS A 18 3.09 6.93 -1.23
N GLY A 19 2.79 6.05 -0.27
CA GLY A 19 3.15 6.29 1.11
C GLY A 19 1.95 6.24 2.04
N LYS A 20 0.87 5.65 1.57
CA LYS A 20 -0.35 5.53 2.37
C LYS A 20 -0.18 4.47 3.45
N ALA A 21 -1.25 4.23 4.20
CA ALA A 21 -1.22 3.24 5.27
C ALA A 21 -2.51 2.44 5.31
N PHE A 22 -2.45 1.25 5.91
CA PHE A 22 -3.62 0.39 6.01
C PHE A 22 -3.44 -0.65 7.11
N ARG A 23 -4.55 -1.18 7.61
CA ARG A 23 -4.51 -2.17 8.68
C ARG A 23 -4.13 -3.55 8.13
N THR A 24 -4.90 -4.01 7.15
CA THR A 24 -4.65 -5.31 6.53
C THR A 24 -4.12 -5.15 5.10
N ARG A 25 -3.69 -6.26 4.51
CA ARG A 25 -3.16 -6.25 3.16
C ARG A 25 -4.25 -5.86 2.16
N SER A 26 -5.33 -6.63 2.13
CA SER A 26 -6.44 -6.36 1.22
C SER A 26 -6.77 -4.88 1.19
N ASN A 27 -6.79 -4.25 2.37
CA ASN A 27 -7.10 -2.84 2.48
C ASN A 27 -6.01 -1.99 1.82
N LEU A 28 -4.78 -2.50 1.86
CA LEU A 28 -3.65 -1.79 1.27
C LEU A 28 -3.63 -1.95 -0.25
N THR A 29 -3.66 -3.20 -0.71
CA THR A 29 -3.65 -3.49 -2.14
C THR A 29 -4.82 -2.83 -2.84
N THR A 30 -6.02 -3.02 -2.30
CA THR A 30 -7.22 -2.44 -2.88
C THR A 30 -6.99 -1.01 -3.31
N HIS A 31 -6.07 -0.33 -2.62
CA HIS A 31 -5.75 1.06 -2.93
C HIS A 31 -4.57 1.14 -3.91
N GLN A 32 -3.63 0.22 -3.76
CA GLN A 32 -2.46 0.18 -4.63
C GLN A 32 -2.86 0.08 -6.10
N VAL A 33 -4.08 -0.39 -6.34
CA VAL A 33 -4.59 -0.53 -7.70
C VAL A 33 -4.34 0.73 -8.51
N ILE A 34 -4.53 1.89 -7.87
CA ILE A 34 -4.33 3.16 -8.55
C ILE A 34 -2.95 3.22 -9.21
N HIS A 35 -1.98 2.54 -8.61
CA HIS A 35 -0.63 2.52 -9.16
C HIS A 35 -0.48 1.39 -10.18
N THR A 36 -1.37 0.40 -10.11
CA THR A 36 -1.32 -0.73 -11.02
C THR A 36 -2.03 -0.41 -12.33
N GLY A 37 -1.29 -0.53 -13.44
CA GLY A 37 -1.85 -0.25 -14.74
C GLY A 37 -1.60 -1.37 -15.73
N GLU A 38 -1.82 -2.61 -15.29
CA GLU A 38 -1.62 -3.77 -16.14
C GLU A 38 -2.94 -4.22 -16.77
N LYS A 39 -3.23 -3.69 -17.96
CA LYS A 39 -4.47 -4.03 -18.66
C LYS A 39 -4.29 -5.33 -19.44
N ARG A 40 -3.30 -5.36 -20.32
CA ARG A 40 -3.04 -6.55 -21.14
C ARG A 40 -1.54 -6.82 -21.23
N SER A 41 -1.16 -8.09 -21.14
CA SER A 41 0.25 -8.48 -21.21
C SER A 41 0.52 -9.27 -22.49
N GLY A 42 0.94 -8.58 -23.54
CA GLY A 42 1.23 -9.23 -24.80
C GLY A 42 1.66 -8.26 -25.88
N PRO A 43 1.63 -8.71 -27.14
CA PRO A 43 2.02 -7.89 -28.28
C PRO A 43 1.02 -6.77 -28.56
N SER A 44 1.48 -5.72 -29.23
CA SER A 44 0.63 -4.58 -29.56
C SER A 44 0.55 -4.38 -31.07
N SER A 45 -0.31 -5.13 -31.73
CA SER A 45 -0.48 -5.03 -33.17
C SER A 45 -1.73 -4.22 -33.52
N GLY A 46 -1.57 -3.29 -34.46
CA GLY A 46 -2.69 -2.47 -34.87
C GLY A 46 -2.83 -2.37 -36.37
N GLY A 1 15.05 10.03 21.74
CA GLY A 1 14.11 10.14 20.65
C GLY A 1 13.68 8.79 20.11
N SER A 2 13.43 7.84 21.01
CA SER A 2 13.02 6.50 20.61
C SER A 2 11.49 6.40 20.61
N SER A 3 10.94 6.08 19.43
CA SER A 3 9.50 5.94 19.28
C SER A 3 8.87 5.32 20.53
N GLY A 4 8.05 6.09 21.22
CA GLY A 4 7.41 5.59 22.43
C GLY A 4 6.05 4.97 22.14
N SER A 5 5.95 3.66 22.31
CA SER A 5 4.71 2.94 22.07
C SER A 5 4.57 1.75 23.02
N SER A 6 3.32 1.37 23.29
CA SER A 6 3.05 0.26 24.18
C SER A 6 2.25 -0.84 23.47
N GLY A 7 2.95 -1.68 22.71
CA GLY A 7 2.29 -2.74 21.99
C GLY A 7 1.07 -2.26 21.22
N THR A 8 1.30 -1.38 20.26
CA THR A 8 0.20 -0.83 19.45
C THR A 8 0.50 -0.99 17.96
N LYS A 9 -0.24 -1.88 17.30
CA LYS A 9 -0.07 -2.11 15.88
C LYS A 9 -1.30 -1.68 15.10
N GLU A 10 -1.20 -0.52 14.44
CA GLU A 10 -2.31 0.01 13.66
C GLU A 10 -1.83 0.47 12.29
N LYS A 11 -2.64 0.21 11.27
CA LYS A 11 -2.30 0.61 9.91
C LYS A 11 -0.80 0.52 9.67
N PRO A 12 -0.20 -0.62 10.01
CA PRO A 12 1.23 -0.85 9.86
C PRO A 12 1.65 -0.97 8.39
N TYR A 13 0.74 -1.48 7.57
CA TYR A 13 1.01 -1.65 6.15
C TYR A 13 1.03 -0.30 5.44
N LYS A 14 2.20 0.09 4.94
CA LYS A 14 2.35 1.36 4.25
C LYS A 14 2.58 1.13 2.76
N CYS A 15 1.88 1.90 1.93
CA CYS A 15 2.01 1.78 0.48
C CYS A 15 3.31 2.40 0.00
N TYR A 16 4.26 1.55 -0.38
CA TYR A 16 5.55 2.01 -0.87
C TYR A 16 5.42 2.75 -2.19
N GLU A 17 4.23 2.66 -2.78
CA GLU A 17 3.96 3.32 -4.06
C GLU A 17 3.80 4.82 -3.87
N CYS A 18 2.96 5.20 -2.92
CA CYS A 18 2.71 6.62 -2.63
C CYS A 18 3.10 6.96 -1.20
N GLY A 19 2.77 6.07 -0.27
CA GLY A 19 3.09 6.29 1.12
C GLY A 19 1.88 6.18 2.03
N LYS A 20 0.80 5.62 1.50
CA LYS A 20 -0.43 5.44 2.26
C LYS A 20 -0.24 4.40 3.36
N ALA A 21 -1.31 4.15 4.12
CA ALA A 21 -1.26 3.18 5.19
C ALA A 21 -2.54 2.35 5.24
N PHE A 22 -2.46 1.18 5.85
CA PHE A 22 -3.62 0.29 5.97
C PHE A 22 -3.40 -0.75 7.06
N ARG A 23 -4.49 -1.17 7.69
CA ARG A 23 -4.41 -2.17 8.76
C ARG A 23 -4.05 -3.54 8.21
N THR A 24 -4.86 -4.03 7.27
CA THR A 24 -4.63 -5.32 6.66
C THR A 24 -4.04 -5.18 5.26
N ARG A 25 -3.80 -6.31 4.60
CA ARG A 25 -3.25 -6.30 3.25
C ARG A 25 -4.29 -5.88 2.23
N SER A 26 -5.39 -6.61 2.19
CA SER A 26 -6.48 -6.32 1.25
C SER A 26 -6.81 -4.83 1.25
N ASN A 27 -6.76 -4.22 2.44
CA ASN A 27 -7.05 -2.79 2.59
C ASN A 27 -5.99 -1.95 1.89
N LEU A 28 -4.77 -2.46 1.84
CA LEU A 28 -3.67 -1.75 1.20
C LEU A 28 -3.70 -1.95 -0.31
N THR A 29 -3.56 -3.20 -0.74
CA THR A 29 -3.57 -3.53 -2.16
C THR A 29 -4.76 -2.89 -2.87
N THR A 30 -5.95 -3.04 -2.27
CA THR A 30 -7.16 -2.47 -2.85
C THR A 30 -6.94 -1.03 -3.28
N HIS A 31 -6.01 -0.35 -2.62
CA HIS A 31 -5.71 1.04 -2.94
C HIS A 31 -4.54 1.13 -3.92
N GLN A 32 -3.61 0.18 -3.81
CA GLN A 32 -2.45 0.16 -4.69
C GLN A 32 -2.87 0.06 -6.15
N VAL A 33 -4.11 -0.35 -6.37
CA VAL A 33 -4.64 -0.49 -7.74
C VAL A 33 -4.40 0.78 -8.54
N ILE A 34 -4.53 1.93 -7.88
CA ILE A 34 -4.33 3.22 -8.54
C ILE A 34 -2.96 3.29 -9.20
N HIS A 35 -2.00 2.57 -8.64
CA HIS A 35 -0.65 2.55 -9.19
C HIS A 35 -0.49 1.42 -10.20
N THR A 36 -1.41 0.47 -10.17
CA THR A 36 -1.37 -0.67 -11.08
C THR A 36 -2.23 -0.42 -12.31
N GLY A 37 -1.65 -0.62 -13.49
CA GLY A 37 -2.38 -0.41 -14.73
C GLY A 37 -1.99 0.89 -15.42
N GLU A 38 -0.70 1.21 -15.39
CA GLU A 38 -0.20 2.43 -16.02
C GLU A 38 0.99 2.12 -16.93
N LYS A 39 2.01 1.50 -16.36
CA LYS A 39 3.21 1.16 -17.12
C LYS A 39 2.88 0.15 -18.23
N ARG A 40 3.05 0.58 -19.48
CA ARG A 40 2.78 -0.27 -20.62
C ARG A 40 3.51 -1.60 -20.50
N SER A 41 4.80 -1.53 -20.16
CA SER A 41 5.62 -2.73 -20.02
C SER A 41 5.01 -3.69 -19.00
N GLY A 42 4.63 -3.14 -17.84
CA GLY A 42 4.04 -3.95 -16.79
C GLY A 42 5.09 -4.69 -15.97
N PRO A 43 4.83 -4.82 -14.66
CA PRO A 43 5.73 -5.50 -13.74
C PRO A 43 5.78 -7.01 -13.98
N SER A 44 6.75 -7.44 -14.78
CA SER A 44 6.90 -8.85 -15.09
C SER A 44 8.31 -9.34 -14.78
N SER A 45 8.55 -9.67 -13.52
CA SER A 45 9.86 -10.13 -13.08
C SER A 45 9.76 -11.54 -12.50
N GLY A 46 10.91 -12.20 -12.39
CA GLY A 46 10.94 -13.55 -11.85
C GLY A 46 12.34 -13.99 -11.46
N GLY A 1 17.43 2.22 23.30
CA GLY A 1 16.59 2.84 24.30
C GLY A 1 16.05 4.19 23.85
N SER A 2 15.65 4.27 22.59
CA SER A 2 15.13 5.51 22.03
C SER A 2 13.67 5.70 22.41
N SER A 3 13.42 6.58 23.38
CA SER A 3 12.05 6.84 23.83
C SER A 3 11.25 7.54 22.74
N GLY A 4 10.50 6.75 21.97
CA GLY A 4 9.69 7.31 20.91
C GLY A 4 8.72 6.31 20.33
N SER A 5 9.04 5.78 19.15
CA SER A 5 8.18 4.80 18.49
C SER A 5 8.62 3.39 18.82
N SER A 6 7.80 2.68 19.60
CA SER A 6 8.10 1.31 19.99
C SER A 6 7.20 0.32 19.27
N GLY A 7 6.99 0.55 17.97
CA GLY A 7 6.15 -0.33 17.18
C GLY A 7 4.67 -0.07 17.40
N THR A 8 3.93 0.11 16.31
CA THR A 8 2.50 0.37 16.39
C THR A 8 1.70 -0.74 15.73
N LYS A 9 0.70 -1.24 16.44
CA LYS A 9 -0.15 -2.31 15.92
C LYS A 9 -1.36 -1.74 15.18
N GLU A 10 -1.12 -0.67 14.44
CA GLU A 10 -2.20 -0.02 13.68
C GLU A 10 -1.70 0.44 12.31
N LYS A 11 -2.52 0.25 11.29
CA LYS A 11 -2.16 0.65 9.93
C LYS A 11 -0.66 0.48 9.70
N PRO A 12 -0.15 -0.71 10.00
CA PRO A 12 1.27 -1.04 9.83
C PRO A 12 1.67 -1.14 8.36
N TYR A 13 0.73 -1.58 7.52
CA TYR A 13 0.98 -1.71 6.10
C TYR A 13 1.02 -0.36 5.42
N LYS A 14 2.19 0.02 4.92
CA LYS A 14 2.36 1.31 4.24
C LYS A 14 2.62 1.10 2.75
N CYS A 15 1.85 1.80 1.92
CA CYS A 15 2.01 1.70 0.47
C CYS A 15 3.33 2.31 0.01
N TYR A 16 4.25 1.45 -0.41
CA TYR A 16 5.55 1.91 -0.87
C TYR A 16 5.44 2.66 -2.19
N GLU A 17 4.26 2.59 -2.80
CA GLU A 17 4.01 3.27 -4.07
C GLU A 17 3.85 4.77 -3.86
N CYS A 18 3.01 5.15 -2.90
CA CYS A 18 2.77 6.55 -2.59
C CYS A 18 3.16 6.87 -1.15
N GLY A 19 2.88 5.94 -0.25
CA GLY A 19 3.21 6.14 1.15
C GLY A 19 1.99 6.07 2.04
N LYS A 20 0.89 5.54 1.50
CA LYS A 20 -0.34 5.41 2.26
C LYS A 20 -0.18 4.39 3.38
N ALA A 21 -1.27 4.14 4.11
CA ALA A 21 -1.26 3.19 5.22
C ALA A 21 -2.54 2.37 5.25
N PHE A 22 -2.47 1.19 5.88
CA PHE A 22 -3.63 0.32 5.98
C PHE A 22 -3.42 -0.72 7.08
N ARG A 23 -4.50 -1.02 7.80
CA ARG A 23 -4.44 -2.00 8.88
C ARG A 23 -4.02 -3.37 8.36
N THR A 24 -4.70 -3.83 7.32
CA THR A 24 -4.40 -5.13 6.73
C THR A 24 -3.84 -4.97 5.31
N ARG A 25 -3.63 -6.10 4.64
CA ARG A 25 -3.09 -6.09 3.29
C ARG A 25 -4.21 -5.81 2.27
N SER A 26 -5.27 -6.60 2.34
CA SER A 26 -6.40 -6.44 1.42
C SER A 26 -6.79 -4.98 1.29
N ASN A 27 -6.80 -4.27 2.41
CA ASN A 27 -7.15 -2.86 2.42
C ASN A 27 -6.08 -2.02 1.74
N LEU A 28 -4.84 -2.47 1.82
CA LEU A 28 -3.72 -1.76 1.20
C LEU A 28 -3.71 -1.97 -0.32
N THR A 29 -3.68 -3.23 -0.74
CA THR A 29 -3.67 -3.55 -2.16
C THR A 29 -4.84 -2.89 -2.88
N THR A 30 -6.02 -3.01 -2.32
CA THR A 30 -7.22 -2.41 -2.90
C THR A 30 -6.96 -0.97 -3.34
N HIS A 31 -6.04 -0.30 -2.64
CA HIS A 31 -5.70 1.08 -2.95
C HIS A 31 -4.52 1.14 -3.93
N GLN A 32 -3.60 0.20 -3.79
CA GLN A 32 -2.43 0.15 -4.66
C GLN A 32 -2.83 0.05 -6.12
N VAL A 33 -4.09 -0.35 -6.35
CA VAL A 33 -4.60 -0.50 -7.71
C VAL A 33 -4.38 0.78 -8.51
N ILE A 34 -4.52 1.93 -7.87
CA ILE A 34 -4.32 3.21 -8.52
C ILE A 34 -2.96 3.29 -9.20
N HIS A 35 -1.98 2.59 -8.63
CA HIS A 35 -0.63 2.56 -9.18
C HIS A 35 -0.48 1.44 -10.21
N THR A 36 -1.43 0.51 -10.21
CA THR A 36 -1.40 -0.62 -11.13
C THR A 36 -2.14 -0.29 -12.43
N GLY A 37 -1.93 -1.11 -13.44
CA GLY A 37 -2.58 -0.89 -14.72
C GLY A 37 -2.17 -1.90 -15.77
N GLU A 38 -2.11 -1.47 -17.03
CA GLU A 38 -1.72 -2.35 -18.13
C GLU A 38 -0.42 -1.88 -18.76
N LYS A 39 -0.23 -0.57 -18.81
CA LYS A 39 0.98 0.01 -19.40
C LYS A 39 2.20 -0.32 -18.56
N ARG A 40 3.31 -0.65 -19.23
CA ARG A 40 4.55 -0.99 -18.54
C ARG A 40 4.31 -2.10 -17.51
N SER A 41 3.52 -3.10 -17.90
CA SER A 41 3.22 -4.21 -17.01
C SER A 41 3.17 -5.52 -17.79
N GLY A 42 3.17 -6.64 -17.05
CA GLY A 42 3.14 -7.94 -17.68
C GLY A 42 1.72 -8.40 -17.99
N PRO A 43 1.39 -9.63 -17.59
CA PRO A 43 0.07 -10.21 -17.81
C PRO A 43 -1.01 -9.55 -16.94
N SER A 44 -1.55 -8.44 -17.43
CA SER A 44 -2.58 -7.71 -16.71
C SER A 44 -3.92 -7.79 -17.43
N SER A 45 -4.93 -8.33 -16.76
CA SER A 45 -6.25 -8.46 -17.33
C SER A 45 -6.96 -7.12 -17.41
N GLY A 46 -7.23 -6.66 -18.63
CA GLY A 46 -7.91 -5.38 -18.81
C GLY A 46 -7.49 -4.70 -20.10
N GLY A 1 3.49 14.69 16.14
CA GLY A 1 3.70 13.39 16.74
C GLY A 1 4.80 13.41 17.80
N SER A 2 5.23 12.23 18.22
CA SER A 2 6.28 12.12 19.24
C SER A 2 5.85 12.82 20.52
N SER A 3 4.59 12.64 20.91
CA SER A 3 4.07 13.25 22.12
C SER A 3 4.97 12.97 23.31
N GLY A 4 5.33 11.70 23.49
CA GLY A 4 6.20 11.33 24.59
C GLY A 4 5.95 9.91 25.07
N SER A 5 4.69 9.61 25.37
CA SER A 5 4.32 8.28 25.84
C SER A 5 3.32 7.62 24.90
N SER A 6 3.54 7.77 23.60
CA SER A 6 2.66 7.21 22.59
C SER A 6 3.40 6.20 21.72
N GLY A 7 2.87 4.98 21.65
CA GLY A 7 3.49 3.94 20.85
C GLY A 7 2.47 3.03 20.19
N THR A 8 1.44 2.66 20.93
CA THR A 8 0.39 1.79 20.41
C THR A 8 -0.34 2.43 19.25
N LYS A 9 -0.13 1.90 18.05
CA LYS A 9 -0.77 2.43 16.85
C LYS A 9 -1.14 1.31 15.89
N GLU A 10 -1.82 1.67 14.81
CA GLU A 10 -2.24 0.68 13.82
C GLU A 10 -1.85 1.13 12.41
N LYS A 11 -2.27 0.37 11.41
CA LYS A 11 -1.96 0.69 10.02
C LYS A 11 -0.48 0.50 9.73
N PRO A 12 0.04 -0.70 10.02
CA PRO A 12 1.44 -1.04 9.80
C PRO A 12 1.79 -1.14 8.32
N TYR A 13 0.82 -1.56 7.52
CA TYR A 13 1.02 -1.71 6.08
C TYR A 13 1.00 -0.35 5.39
N LYS A 14 2.16 0.08 4.90
CA LYS A 14 2.28 1.36 4.21
C LYS A 14 2.54 1.16 2.72
N CYS A 15 1.82 1.92 1.90
CA CYS A 15 1.98 1.83 0.44
C CYS A 15 3.29 2.47 -0.01
N TYR A 16 4.24 1.63 -0.40
CA TYR A 16 5.54 2.12 -0.85
C TYR A 16 5.42 2.87 -2.17
N GLU A 17 4.24 2.77 -2.78
CA GLU A 17 3.99 3.44 -4.06
C GLU A 17 3.79 4.94 -3.86
N CYS A 18 2.90 5.30 -2.93
CA CYS A 18 2.62 6.70 -2.64
C CYS A 18 3.01 7.04 -1.21
N GLY A 19 2.70 6.14 -0.29
CA GLY A 19 3.03 6.36 1.12
C GLY A 19 1.82 6.23 2.01
N LYS A 20 0.74 5.65 1.49
CA LYS A 20 -0.48 5.47 2.26
C LYS A 20 -0.29 4.43 3.35
N ALA A 21 -1.33 4.22 4.15
CA ALA A 21 -1.27 3.24 5.24
C ALA A 21 -2.53 2.40 5.28
N PHE A 22 -2.42 1.21 5.88
CA PHE A 22 -3.56 0.30 5.99
C PHE A 22 -3.32 -0.75 7.06
N ARG A 23 -4.39 -1.23 7.67
CA ARG A 23 -4.29 -2.24 8.72
C ARG A 23 -3.91 -3.60 8.13
N THR A 24 -4.70 -4.05 7.15
CA THR A 24 -4.46 -5.33 6.51
C THR A 24 -3.99 -5.14 5.07
N ARG A 25 -3.64 -6.24 4.41
CA ARG A 25 -3.18 -6.20 3.03
C ARG A 25 -4.30 -5.79 2.10
N SER A 26 -5.38 -6.58 2.07
CA SER A 26 -6.52 -6.30 1.22
C SER A 26 -6.84 -4.81 1.21
N ASN A 27 -6.85 -4.21 2.40
CA ASN A 27 -7.15 -2.79 2.53
C ASN A 27 -6.08 -1.94 1.85
N LEU A 28 -4.85 -2.43 1.87
CA LEU A 28 -3.73 -1.72 1.25
C LEU A 28 -3.72 -1.94 -0.26
N THR A 29 -3.59 -3.19 -0.67
CA THR A 29 -3.57 -3.53 -2.09
C THR A 29 -4.73 -2.90 -2.83
N THR A 30 -5.94 -3.03 -2.28
CA THR A 30 -7.13 -2.48 -2.88
C THR A 30 -6.89 -1.03 -3.32
N HIS A 31 -6.03 -0.32 -2.59
CA HIS A 31 -5.72 1.06 -2.91
C HIS A 31 -4.54 1.14 -3.88
N GLN A 32 -3.62 0.20 -3.76
CA GLN A 32 -2.44 0.17 -4.62
C GLN A 32 -2.84 0.02 -6.08
N VAL A 33 -4.08 -0.41 -6.30
CA VAL A 33 -4.58 -0.59 -7.66
C VAL A 33 -4.43 0.68 -8.48
N ILE A 34 -4.49 1.82 -7.82
CA ILE A 34 -4.35 3.12 -8.49
C ILE A 34 -2.98 3.25 -9.15
N HIS A 35 -2.00 2.51 -8.61
CA HIS A 35 -0.65 2.55 -9.15
C HIS A 35 -0.44 1.45 -10.18
N THR A 36 -1.35 0.47 -10.20
CA THR A 36 -1.27 -0.64 -11.13
C THR A 36 -1.98 -0.30 -12.44
N GLY A 37 -1.29 -0.55 -13.56
CA GLY A 37 -1.86 -0.27 -14.86
C GLY A 37 -0.84 0.28 -15.83
N GLU A 38 -0.64 1.60 -15.79
CA GLU A 38 0.31 2.26 -16.69
C GLU A 38 1.56 2.69 -15.92
N LYS A 39 2.72 2.33 -16.46
CA LYS A 39 3.99 2.69 -15.82
C LYS A 39 4.63 3.88 -16.53
N ARG A 40 4.28 5.08 -16.09
CA ARG A 40 4.83 6.29 -16.68
C ARG A 40 5.50 7.15 -15.61
N SER A 41 4.78 7.43 -14.53
CA SER A 41 5.31 8.25 -13.44
C SER A 41 6.55 7.60 -12.83
N GLY A 42 6.46 6.30 -12.57
CA GLY A 42 7.58 5.59 -11.98
C GLY A 42 8.75 5.46 -12.93
N PRO A 43 9.97 5.57 -12.39
CA PRO A 43 11.20 5.47 -13.18
C PRO A 43 11.44 4.05 -13.71
N SER A 44 12.11 3.95 -14.86
CA SER A 44 12.39 2.66 -15.46
C SER A 44 13.89 2.38 -15.45
N SER A 45 14.40 1.98 -14.29
CA SER A 45 15.82 1.67 -14.15
C SER A 45 16.66 2.62 -15.01
N GLY A 46 16.29 3.90 -15.02
CA GLY A 46 17.02 4.87 -15.79
C GLY A 46 16.13 5.64 -16.75
N GLY A 1 17.57 2.52 30.26
CA GLY A 1 18.17 2.74 28.96
C GLY A 1 17.13 3.00 27.89
N SER A 2 16.97 2.04 26.98
CA SER A 2 16.01 2.17 25.89
C SER A 2 15.06 0.97 25.85
N SER A 3 13.77 1.24 25.75
CA SER A 3 12.76 0.19 25.70
C SER A 3 13.00 -0.71 24.50
N GLY A 4 12.96 -0.12 23.30
CA GLY A 4 13.16 -0.88 22.09
C GLY A 4 12.08 -0.63 21.05
N SER A 5 11.72 -1.67 20.31
CA SER A 5 10.70 -1.54 19.28
C SER A 5 9.38 -1.06 19.87
N SER A 6 8.65 -0.24 19.11
CA SER A 6 7.38 0.30 19.56
C SER A 6 6.27 -0.73 19.41
N GLY A 7 6.28 -1.44 18.30
CA GLY A 7 5.27 -2.45 18.05
C GLY A 7 4.10 -1.92 17.25
N THR A 8 4.27 -1.87 15.94
CA THR A 8 3.21 -1.37 15.06
C THR A 8 2.20 -2.47 14.75
N LYS A 9 0.93 -2.18 15.02
CA LYS A 9 -0.15 -3.14 14.76
C LYS A 9 -1.29 -2.48 14.00
N GLU A 10 -1.49 -1.19 14.24
CA GLU A 10 -2.56 -0.45 13.58
C GLU A 10 -2.03 0.28 12.35
N LYS A 11 -2.59 -0.05 11.18
CA LYS A 11 -2.17 0.57 9.93
C LYS A 11 -0.67 0.43 9.73
N PRO A 12 -0.13 -0.75 10.06
CA PRO A 12 1.31 -1.04 9.92
C PRO A 12 1.74 -1.13 8.46
N TYR A 13 0.80 -1.50 7.59
CA TYR A 13 1.09 -1.64 6.17
C TYR A 13 1.09 -0.27 5.49
N LYS A 14 2.24 0.10 4.93
CA LYS A 14 2.38 1.38 4.25
C LYS A 14 2.63 1.17 2.75
N CYS A 15 1.88 1.88 1.93
CA CYS A 15 2.02 1.79 0.48
C CYS A 15 3.31 2.43 0.01
N TYR A 16 4.24 1.61 -0.45
CA TYR A 16 5.53 2.10 -0.92
C TYR A 16 5.38 2.87 -2.24
N GLU A 17 4.19 2.76 -2.83
CA GLU A 17 3.90 3.44 -4.09
C GLU A 17 3.71 4.94 -3.87
N CYS A 18 2.83 5.28 -2.93
CA CYS A 18 2.55 6.68 -2.62
C CYS A 18 2.97 7.01 -1.19
N GLY A 19 2.74 6.08 -0.28
CA GLY A 19 3.10 6.30 1.11
C GLY A 19 1.91 6.20 2.04
N LYS A 20 0.82 5.66 1.53
CA LYS A 20 -0.40 5.51 2.33
C LYS A 20 -0.22 4.44 3.41
N ALA A 21 -1.28 4.19 4.17
CA ALA A 21 -1.23 3.20 5.23
C ALA A 21 -2.50 2.36 5.25
N PHE A 22 -2.42 1.17 5.87
CA PHE A 22 -3.56 0.28 5.95
C PHE A 22 -3.36 -0.76 7.04
N ARG A 23 -4.44 -1.12 7.72
CA ARG A 23 -4.38 -2.10 8.79
C ARG A 23 -3.97 -3.47 8.26
N THR A 24 -4.68 -3.94 7.23
CA THR A 24 -4.38 -5.23 6.63
C THR A 24 -3.87 -5.08 5.21
N ARG A 25 -3.66 -6.19 4.52
CA ARG A 25 -3.17 -6.17 3.15
C ARG A 25 -4.29 -5.79 2.18
N SER A 26 -5.37 -6.58 2.19
CA SER A 26 -6.51 -6.33 1.31
C SER A 26 -6.83 -4.84 1.26
N ASN A 27 -6.88 -4.21 2.41
CA ASN A 27 -7.19 -2.78 2.50
C ASN A 27 -6.11 -1.96 1.81
N LEU A 28 -4.89 -2.46 1.82
CA LEU A 28 -3.77 -1.77 1.20
C LEU A 28 -3.76 -1.99 -0.31
N THR A 29 -3.63 -3.24 -0.73
CA THR A 29 -3.62 -3.58 -2.15
C THR A 29 -4.79 -2.94 -2.88
N THR A 30 -5.99 -3.06 -2.30
CA THR A 30 -7.19 -2.49 -2.89
C THR A 30 -6.96 -1.04 -3.32
N HIS A 31 -6.04 -0.37 -2.65
CA HIS A 31 -5.71 1.02 -2.96
C HIS A 31 -4.54 1.10 -3.94
N GLN A 32 -3.60 0.18 -3.80
CA GLN A 32 -2.42 0.14 -4.66
C GLN A 32 -2.84 0.02 -6.13
N VAL A 33 -4.08 -0.38 -6.36
CA VAL A 33 -4.59 -0.53 -7.71
C VAL A 33 -4.41 0.75 -8.52
N ILE A 34 -4.50 1.89 -7.83
CA ILE A 34 -4.34 3.18 -8.49
C ILE A 34 -2.97 3.30 -9.14
N HIS A 35 -1.99 2.58 -8.60
CA HIS A 35 -0.64 2.60 -9.14
C HIS A 35 -0.43 1.47 -10.15
N THR A 36 -1.34 0.51 -10.14
CA THR A 36 -1.26 -0.63 -11.05
C THR A 36 -2.01 -0.35 -12.35
N GLY A 37 -1.37 0.38 -13.26
CA GLY A 37 -1.99 0.70 -14.53
C GLY A 37 -1.14 0.27 -15.71
N GLU A 38 -1.79 -0.29 -16.72
CA GLU A 38 -1.09 -0.75 -17.92
C GLU A 38 -1.72 -0.16 -19.17
N LYS A 39 -0.89 0.46 -20.01
CA LYS A 39 -1.36 1.07 -21.25
C LYS A 39 -0.43 0.74 -22.41
N ARG A 40 -0.98 0.70 -23.62
CA ARG A 40 -0.20 0.40 -24.81
C ARG A 40 1.22 0.96 -24.69
N SER A 41 2.19 0.07 -24.51
CA SER A 41 3.58 0.47 -24.38
C SER A 41 4.51 -0.52 -25.06
N GLY A 42 5.31 -0.03 -26.00
CA GLY A 42 6.23 -0.89 -26.72
C GLY A 42 7.43 -0.14 -27.25
N PRO A 43 8.59 -0.81 -27.28
CA PRO A 43 9.84 -0.22 -27.76
C PRO A 43 9.83 0.02 -29.26
N SER A 44 9.36 1.19 -29.68
CA SER A 44 9.29 1.53 -31.09
C SER A 44 10.16 2.75 -31.40
N SER A 45 10.32 3.05 -32.68
CA SER A 45 11.13 4.19 -33.11
C SER A 45 10.25 5.27 -33.73
N GLY A 46 9.53 4.92 -34.79
CA GLY A 46 8.67 5.88 -35.44
C GLY A 46 9.39 7.16 -35.82
N GLY A 1 13.86 16.50 18.76
CA GLY A 1 12.88 15.60 19.34
C GLY A 1 13.26 14.15 19.20
N SER A 2 13.25 13.42 20.31
CA SER A 2 13.61 12.01 20.30
C SER A 2 12.57 11.18 19.54
N SER A 3 11.31 11.33 19.93
CA SER A 3 10.22 10.60 19.29
C SER A 3 10.62 9.16 19.00
N GLY A 4 11.30 8.53 19.97
CA GLY A 4 11.73 7.16 19.80
C GLY A 4 11.21 6.25 20.89
N SER A 5 9.91 5.96 20.84
CA SER A 5 9.27 5.10 21.83
C SER A 5 8.28 4.15 21.17
N SER A 6 7.89 3.11 21.90
CA SER A 6 6.94 2.13 21.38
C SER A 6 5.63 2.80 20.97
N GLY A 7 4.78 2.04 20.29
CA GLY A 7 3.51 2.58 19.85
C GLY A 7 2.37 1.59 20.00
N THR A 8 1.38 1.69 19.14
CA THR A 8 0.22 0.79 19.17
C THR A 8 -0.07 0.22 17.80
N LYS A 9 0.07 -1.10 17.67
CA LYS A 9 -0.17 -1.77 16.39
C LYS A 9 -1.39 -1.16 15.69
N GLU A 10 -1.16 -0.62 14.50
CA GLU A 10 -2.23 0.00 13.73
C GLU A 10 -1.72 0.45 12.36
N LYS A 11 -2.54 0.25 11.33
CA LYS A 11 -2.18 0.63 9.97
C LYS A 11 -0.68 0.47 9.75
N PRO A 12 -0.15 -0.71 10.07
CA PRO A 12 1.27 -1.02 9.90
C PRO A 12 1.68 -1.13 8.44
N TYR A 13 0.74 -1.55 7.60
CA TYR A 13 1.00 -1.70 6.17
C TYR A 13 1.05 -0.34 5.48
N LYS A 14 2.20 0.01 4.93
CA LYS A 14 2.38 1.27 4.24
C LYS A 14 2.61 1.05 2.75
N CYS A 15 1.87 1.79 1.93
CA CYS A 15 1.99 1.68 0.48
C CYS A 15 3.32 2.28 0.00
N TYR A 16 4.26 1.42 -0.36
CA TYR A 16 5.57 1.87 -0.83
C TYR A 16 5.44 2.60 -2.16
N GLU A 17 4.25 2.52 -2.76
CA GLU A 17 4.01 3.17 -4.05
C GLU A 17 3.86 4.67 -3.86
N CYS A 18 3.03 5.08 -2.91
CA CYS A 18 2.81 6.49 -2.63
C CYS A 18 3.19 6.84 -1.20
N GLY A 19 2.84 5.95 -0.27
CA GLY A 19 3.17 6.17 1.13
C GLY A 19 1.95 6.08 2.03
N LYS A 20 0.86 5.54 1.49
CA LYS A 20 -0.38 5.39 2.25
C LYS A 20 -0.22 4.36 3.34
N ALA A 21 -1.27 4.16 4.13
CA ALA A 21 -1.25 3.19 5.22
C ALA A 21 -2.53 2.38 5.25
N PHE A 22 -2.47 1.21 5.89
CA PHE A 22 -3.63 0.34 6.00
C PHE A 22 -3.44 -0.69 7.12
N ARG A 23 -4.55 -1.06 7.77
CA ARG A 23 -4.49 -2.02 8.86
C ARG A 23 -4.12 -3.41 8.34
N THR A 24 -4.78 -3.82 7.26
CA THR A 24 -4.52 -5.13 6.67
C THR A 24 -3.97 -4.99 5.25
N ARG A 25 -3.62 -6.12 4.64
CA ARG A 25 -3.09 -6.12 3.29
C ARG A 25 -4.18 -5.78 2.27
N SER A 26 -5.22 -6.62 2.23
CA SER A 26 -6.32 -6.42 1.30
C SER A 26 -6.70 -4.95 1.23
N ASN A 27 -6.79 -4.30 2.38
CA ASN A 27 -7.14 -2.88 2.45
C ASN A 27 -6.09 -2.03 1.76
N LEU A 28 -4.84 -2.46 1.84
CA LEU A 28 -3.73 -1.74 1.23
C LEU A 28 -3.73 -1.93 -0.29
N THR A 29 -3.67 -3.19 -0.72
CA THR A 29 -3.66 -3.52 -2.14
C THR A 29 -4.82 -2.85 -2.86
N THR A 30 -6.02 -3.01 -2.32
CA THR A 30 -7.22 -2.42 -2.91
C THR A 30 -6.96 -0.98 -3.34
N HIS A 31 -6.07 -0.29 -2.63
CA HIS A 31 -5.74 1.09 -2.95
C HIS A 31 -4.57 1.15 -3.92
N GLN A 32 -3.67 0.19 -3.83
CA GLN A 32 -2.50 0.13 -4.70
C GLN A 32 -2.92 0.03 -6.17
N VAL A 33 -4.18 -0.33 -6.39
CA VAL A 33 -4.71 -0.46 -7.74
C VAL A 33 -4.47 0.81 -8.55
N ILE A 34 -4.49 1.95 -7.88
CA ILE A 34 -4.27 3.23 -8.54
C ILE A 34 -2.90 3.28 -9.19
N HIS A 35 -1.95 2.53 -8.64
CA HIS A 35 -0.59 2.49 -9.17
C HIS A 35 -0.43 1.36 -10.17
N THR A 36 -1.41 0.46 -10.19
CA THR A 36 -1.38 -0.68 -11.11
C THR A 36 -2.09 -0.35 -12.42
N GLY A 37 -1.60 -0.92 -13.52
CA GLY A 37 -2.20 -0.67 -14.81
C GLY A 37 -3.68 -1.03 -14.84
N GLU A 38 -3.97 -2.26 -15.28
CA GLU A 38 -5.35 -2.72 -15.37
C GLU A 38 -6.16 -2.21 -14.17
N LYS A 39 -7.38 -1.75 -14.45
CA LYS A 39 -8.26 -1.24 -13.42
C LYS A 39 -9.60 -1.97 -13.42
N ARG A 40 -9.93 -2.59 -12.29
CA ARG A 40 -11.19 -3.33 -12.16
C ARG A 40 -12.38 -2.39 -12.31
N SER A 41 -12.49 -1.44 -11.40
CA SER A 41 -13.60 -0.48 -11.42
C SER A 41 -13.09 0.93 -11.71
N GLY A 42 -13.85 1.68 -12.50
CA GLY A 42 -13.46 3.03 -12.84
C GLY A 42 -14.45 3.70 -13.78
N PRO A 43 -15.09 4.77 -13.30
CA PRO A 43 -16.08 5.52 -14.09
C PRO A 43 -15.43 6.31 -15.22
N SER A 44 -14.40 7.07 -14.89
CA SER A 44 -13.69 7.87 -15.87
C SER A 44 -12.59 7.07 -16.55
N SER A 45 -12.03 7.61 -17.63
CA SER A 45 -10.97 6.93 -18.36
C SER A 45 -9.65 7.68 -18.22
N GLY A 46 -9.72 9.01 -18.36
CA GLY A 46 -8.52 9.83 -18.24
C GLY A 46 -8.22 10.20 -16.80
N GLY A 1 20.21 -6.12 26.35
CA GLY A 1 19.65 -7.43 26.55
C GLY A 1 18.45 -7.70 25.67
N SER A 2 17.25 -7.37 26.18
CA SER A 2 16.03 -7.58 25.42
C SER A 2 15.77 -6.41 24.47
N SER A 3 16.02 -6.66 23.18
CA SER A 3 15.82 -5.63 22.17
C SER A 3 14.39 -5.09 22.20
N GLY A 4 13.42 -6.01 22.10
CA GLY A 4 12.03 -5.61 22.13
C GLY A 4 11.36 -5.74 20.78
N SER A 5 10.38 -6.63 20.69
CA SER A 5 9.66 -6.86 19.44
C SER A 5 8.24 -6.31 19.52
N SER A 6 7.86 -5.53 18.50
CA SER A 6 6.53 -4.94 18.46
C SER A 6 5.49 -5.96 18.00
N GLY A 7 4.41 -6.09 18.76
CA GLY A 7 3.36 -7.03 18.41
C GLY A 7 2.23 -6.38 17.63
N THR A 8 1.29 -5.76 18.35
CA THR A 8 0.16 -5.10 17.72
C THR A 8 0.58 -3.76 17.09
N LYS A 9 0.14 -3.53 15.86
CA LYS A 9 0.47 -2.30 15.16
C LYS A 9 -0.71 -1.85 14.29
N GLU A 10 -1.07 -0.57 14.41
CA GLU A 10 -2.18 -0.01 13.64
C GLU A 10 -1.69 0.43 12.26
N LYS A 11 -2.52 0.19 11.25
CA LYS A 11 -2.19 0.58 9.89
C LYS A 11 -0.69 0.49 9.65
N PRO A 12 -0.09 -0.67 9.98
CA PRO A 12 1.34 -0.90 9.81
C PRO A 12 1.74 -1.01 8.34
N TYR A 13 0.83 -1.51 7.52
CA TYR A 13 1.09 -1.66 6.09
C TYR A 13 1.08 -0.30 5.39
N LYS A 14 2.25 0.12 4.94
CA LYS A 14 2.39 1.39 4.23
C LYS A 14 2.61 1.18 2.75
N CYS A 15 1.87 1.91 1.93
CA CYS A 15 1.98 1.80 0.48
C CYS A 15 3.27 2.46 -0.01
N TYR A 16 4.26 1.63 -0.32
CA TYR A 16 5.55 2.12 -0.79
C TYR A 16 5.40 2.85 -2.13
N GLU A 17 4.22 2.70 -2.74
CA GLU A 17 3.94 3.34 -4.02
C GLU A 17 3.75 4.84 -3.84
N CYS A 18 2.89 5.22 -2.89
CA CYS A 18 2.62 6.62 -2.62
C CYS A 18 3.01 6.99 -1.19
N GLY A 19 2.73 6.08 -0.25
CA GLY A 19 3.06 6.33 1.13
C GLY A 19 1.85 6.22 2.04
N LYS A 20 0.78 5.63 1.53
CA LYS A 20 -0.45 5.46 2.30
C LYS A 20 -0.26 4.43 3.40
N ALA A 21 -1.32 4.17 4.15
CA ALA A 21 -1.27 3.20 5.24
C ALA A 21 -2.54 2.35 5.28
N PHE A 22 -2.44 1.17 5.88
CA PHE A 22 -3.58 0.27 5.99
C PHE A 22 -3.35 -0.78 7.07
N ARG A 23 -4.43 -1.18 7.73
CA ARG A 23 -4.33 -2.19 8.80
C ARG A 23 -3.94 -3.54 8.23
N THR A 24 -4.68 -4.00 7.22
CA THR A 24 -4.41 -5.28 6.59
C THR A 24 -3.91 -5.10 5.16
N ARG A 25 -3.68 -6.21 4.48
CA ARG A 25 -3.20 -6.18 3.10
C ARG A 25 -4.33 -5.78 2.14
N SER A 26 -5.38 -6.58 2.13
CA SER A 26 -6.53 -6.31 1.26
C SER A 26 -6.85 -4.83 1.21
N ASN A 27 -6.87 -4.20 2.39
CA ASN A 27 -7.17 -2.78 2.49
C ASN A 27 -6.09 -1.95 1.80
N LEU A 28 -4.85 -2.44 1.86
CA LEU A 28 -3.72 -1.74 1.25
C LEU A 28 -3.72 -1.95 -0.27
N THR A 29 -3.61 -3.21 -0.68
CA THR A 29 -3.59 -3.54 -2.10
C THR A 29 -4.75 -2.89 -2.84
N THR A 30 -5.95 -3.07 -2.30
CA THR A 30 -7.15 -2.50 -2.91
C THR A 30 -6.91 -1.06 -3.34
N HIS A 31 -6.05 -0.35 -2.61
CA HIS A 31 -5.74 1.04 -2.92
C HIS A 31 -4.56 1.12 -3.89
N GLN A 32 -3.63 0.17 -3.76
CA GLN A 32 -2.46 0.14 -4.62
C GLN A 32 -2.85 0.04 -6.09
N VAL A 33 -4.08 -0.40 -6.34
CA VAL A 33 -4.59 -0.55 -7.70
C VAL A 33 -4.36 0.72 -8.51
N ILE A 34 -4.53 1.87 -7.85
CA ILE A 34 -4.35 3.16 -8.50
C ILE A 34 -2.98 3.25 -9.17
N HIS A 35 -2.00 2.56 -8.59
CA HIS A 35 -0.64 2.56 -9.14
C HIS A 35 -0.46 1.43 -10.14
N THR A 36 -1.37 0.46 -10.11
CA THR A 36 -1.31 -0.68 -11.02
C THR A 36 -2.07 -0.38 -12.30
N GLY A 37 -1.96 0.85 -12.79
CA GLY A 37 -2.64 1.23 -14.02
C GLY A 37 -1.67 1.68 -15.10
N GLU A 38 -2.03 2.75 -15.81
CA GLU A 38 -1.19 3.27 -16.88
C GLU A 38 -0.65 2.14 -17.75
N LYS A 39 -1.53 1.25 -18.17
CA LYS A 39 -1.15 0.13 -19.02
C LYS A 39 0.25 -0.38 -18.64
N ARG A 40 0.43 -0.71 -17.37
CA ARG A 40 1.71 -1.20 -16.89
C ARG A 40 1.86 -2.68 -17.17
N SER A 41 0.93 -3.48 -16.65
CA SER A 41 0.97 -4.93 -16.85
C SER A 41 -0.12 -5.37 -17.83
N GLY A 42 0.14 -6.46 -18.54
CA GLY A 42 -0.83 -6.97 -19.49
C GLY A 42 -1.68 -8.09 -18.92
N PRO A 43 -2.71 -8.49 -19.67
CA PRO A 43 -3.63 -9.56 -19.26
C PRO A 43 -2.95 -10.94 -19.28
N SER A 44 -1.79 -11.01 -19.93
CA SER A 44 -1.05 -12.26 -20.02
C SER A 44 -2.00 -13.43 -20.29
N SER A 45 -2.96 -13.21 -21.17
CA SER A 45 -3.93 -14.25 -21.51
C SER A 45 -3.33 -15.27 -22.48
N GLY A 46 -3.77 -16.52 -22.36
CA GLY A 46 -3.27 -17.57 -23.23
C GLY A 46 -1.95 -18.13 -22.73
N GLY A 1 21.03 -15.98 15.68
CA GLY A 1 19.74 -16.51 16.11
C GLY A 1 18.66 -15.44 16.14
N SER A 2 18.66 -14.58 15.13
CA SER A 2 17.67 -13.50 15.04
C SER A 2 16.87 -13.61 13.74
N SER A 3 15.55 -13.49 13.86
CA SER A 3 14.68 -13.57 12.70
C SER A 3 13.75 -12.37 12.64
N GLY A 4 12.99 -12.15 13.72
CA GLY A 4 12.07 -11.03 13.77
C GLY A 4 10.66 -11.46 14.12
N SER A 5 9.77 -10.48 14.29
CA SER A 5 8.39 -10.76 14.64
C SER A 5 7.44 -9.83 13.90
N SER A 6 6.23 -10.31 13.62
CA SER A 6 5.24 -9.51 12.91
C SER A 6 4.16 -9.01 13.88
N GLY A 7 3.87 -7.71 13.79
CA GLY A 7 2.86 -7.12 14.67
C GLY A 7 1.88 -6.25 13.91
N THR A 8 0.59 -6.51 14.10
CA THR A 8 -0.45 -5.74 13.43
C THR A 8 -0.97 -4.62 14.32
N LYS A 9 -0.05 -3.89 14.93
CA LYS A 9 -0.42 -2.78 15.81
C LYS A 9 -1.59 -1.99 15.23
N GLU A 10 -1.32 -1.23 14.19
CA GLU A 10 -2.35 -0.42 13.55
C GLU A 10 -1.80 0.27 12.29
N LYS A 11 -2.42 0.00 11.15
CA LYS A 11 -2.00 0.60 9.89
C LYS A 11 -0.52 0.37 9.65
N PRO A 12 -0.05 -0.85 9.96
CA PRO A 12 1.36 -1.23 9.78
C PRO A 12 1.75 -1.33 8.31
N TYR A 13 0.77 -1.61 7.46
CA TYR A 13 1.00 -1.74 6.03
C TYR A 13 1.03 -0.37 5.35
N LYS A 14 2.21 0.04 4.90
CA LYS A 14 2.37 1.33 4.24
C LYS A 14 2.61 1.14 2.74
N CYS A 15 1.85 1.87 1.93
CA CYS A 15 1.98 1.78 0.48
C CYS A 15 3.30 2.41 0.01
N TYR A 16 4.23 1.56 -0.42
CA TYR A 16 5.53 2.02 -0.88
C TYR A 16 5.39 2.78 -2.20
N GLU A 17 4.20 2.73 -2.79
CA GLU A 17 3.95 3.43 -4.04
C GLU A 17 3.78 4.92 -3.81
N CYS A 18 2.90 5.28 -2.88
CA CYS A 18 2.64 6.68 -2.56
C CYS A 18 3.02 6.99 -1.12
N GLY A 19 2.88 5.99 -0.24
CA GLY A 19 3.20 6.18 1.16
C GLY A 19 1.99 6.05 2.06
N LYS A 20 0.88 5.60 1.49
CA LYS A 20 -0.35 5.44 2.24
C LYS A 20 -0.19 4.40 3.35
N ALA A 21 -1.26 4.17 4.12
CA ALA A 21 -1.22 3.20 5.20
C ALA A 21 -2.51 2.37 5.23
N PHE A 22 -2.44 1.20 5.84
CA PHE A 22 -3.60 0.32 5.95
C PHE A 22 -3.39 -0.71 7.05
N ARG A 23 -4.46 -0.99 7.79
CA ARG A 23 -4.41 -1.96 8.88
C ARG A 23 -4.00 -3.34 8.35
N THR A 24 -4.72 -3.81 7.34
CA THR A 24 -4.45 -5.11 6.75
C THR A 24 -3.88 -4.97 5.34
N ARG A 25 -3.69 -6.09 4.66
CA ARG A 25 -3.16 -6.10 3.31
C ARG A 25 -4.25 -5.80 2.28
N SER A 26 -5.32 -6.60 2.32
CA SER A 26 -6.42 -6.43 1.39
C SER A 26 -6.86 -4.97 1.31
N ASN A 27 -6.82 -4.28 2.45
CA ASN A 27 -7.20 -2.88 2.51
C ASN A 27 -6.15 -2.01 1.82
N LEU A 28 -4.91 -2.48 1.82
CA LEU A 28 -3.82 -1.73 1.20
C LEU A 28 -3.80 -1.95 -0.31
N THR A 29 -3.64 -3.20 -0.73
CA THR A 29 -3.60 -3.54 -2.14
C THR A 29 -4.77 -2.90 -2.88
N THR A 30 -5.97 -3.03 -2.31
CA THR A 30 -7.17 -2.47 -2.92
C THR A 30 -6.94 -1.03 -3.36
N HIS A 31 -6.05 -0.34 -2.66
CA HIS A 31 -5.73 1.05 -2.97
C HIS A 31 -4.54 1.14 -3.94
N GLN A 32 -3.60 0.22 -3.78
CA GLN A 32 -2.41 0.20 -4.64
C GLN A 32 -2.81 0.06 -6.11
N VAL A 33 -4.04 -0.37 -6.35
CA VAL A 33 -4.54 -0.54 -7.71
C VAL A 33 -4.37 0.74 -8.52
N ILE A 34 -4.49 1.88 -7.85
CA ILE A 34 -4.35 3.18 -8.51
C ILE A 34 -2.99 3.31 -9.17
N HIS A 35 -1.99 2.61 -8.62
CA HIS A 35 -0.64 2.65 -9.16
C HIS A 35 -0.42 1.53 -10.17
N THR A 36 -1.34 0.56 -10.17
CA THR A 36 -1.25 -0.57 -11.10
C THR A 36 -2.08 -0.32 -12.35
N GLY A 37 -1.66 -0.92 -13.46
CA GLY A 37 -2.38 -0.76 -14.70
C GLY A 37 -1.92 -1.74 -15.77
N GLU A 38 -0.88 -1.37 -16.50
CA GLU A 38 -0.35 -2.22 -17.56
C GLU A 38 0.61 -3.26 -17.00
N LYS A 39 0.05 -4.34 -16.45
CA LYS A 39 0.85 -5.42 -15.87
C LYS A 39 1.88 -5.92 -16.87
N ARG A 40 3.15 -5.77 -16.53
CA ARG A 40 4.24 -6.21 -17.40
C ARG A 40 3.88 -7.53 -18.09
N SER A 41 4.52 -7.79 -19.21
CA SER A 41 4.27 -9.02 -19.97
C SER A 41 5.09 -10.19 -19.40
N GLY A 42 4.82 -11.38 -19.92
CA GLY A 42 5.54 -12.56 -19.46
C GLY A 42 7.00 -12.56 -19.88
N PRO A 43 7.89 -12.87 -18.93
CA PRO A 43 9.33 -12.91 -19.18
C PRO A 43 9.73 -14.07 -20.08
N SER A 44 8.74 -14.82 -20.55
CA SER A 44 9.00 -15.96 -21.42
C SER A 44 9.55 -17.14 -20.63
N SER A 45 8.97 -17.38 -19.46
CA SER A 45 9.43 -18.47 -18.60
C SER A 45 8.23 -19.28 -18.09
N GLY A 46 8.23 -20.57 -18.39
CA GLY A 46 7.15 -21.44 -17.94
C GLY A 46 6.94 -22.62 -18.86
#